data_9AYK
#
_entry.id   9AYK
#
_cell.length_a   1.00
_cell.length_b   1.00
_cell.length_c   1.00
_cell.angle_alpha   90.00
_cell.angle_beta   90.00
_cell.angle_gamma   90.00
#
_symmetry.space_group_name_H-M   'P 1'
#
loop_
_entity.id
_entity.type
_entity.pdbx_description
1 polymer 'Voltage-dependent T-type calcium channel subunit alpha-1H'
2 non-polymer 3,5-dichloro-N-{[(1R,5S,6r)-3-(3,3-dimethylbutyl)-3-azabicyclo[3.1.0]hexan-6-yl]methyl}benzamide
3 non-polymer 2-acetamido-2-deoxy-beta-D-glucopyranose
4 non-polymer 'CALCIUM ION'
5 non-polymer 1-O-OCTADECYL-SN-GLYCERO-3-PHOSPHOCHOLINE
6 non-polymer 'CHOLESTEROL HEMISUCCINATE'
7 non-polymer '[(2~{R})-3-[2-azanylethoxy(oxidanyl)phosphoryl]oxy-2-pentadecanoyloxy-propyl] pentadecanoate'
#
_entity_poly.entity_id   1
_entity_poly.type   'polypeptide(L)'
_entity_poly.pdbx_seq_one_letter_code
;MASWSHPQFEKGGGARGGSGGGSWSHPQFEKGFDYKDDDDKGTMTEGARAADEVRVPLGAPPPGPAALVGASPESPGAPG
REAERGSELGVSPSESPAAERGAELGADEEQRVPYPALAATVFFCLGQTTRPRSWCLRLVCNPWFEHVSMLVIMLNCVTL
GMFRPCEDVECGSERCNILEAFDAFIFAFFAVEMVIKMVALGLFGQKCYLGDTWNRLDFFIVVAGMMEYSLDGHNVSLSA
IRTVRVLRPLRAINRVPSMRILVTLLLDTLPMLGNVLLLCFFVFFIFGIVGVQLWAGLLRNRCFLDSAFVRNNNLTFLRP
YYQTEEGEENPFICSSRRDNGMQKCSHIPGRRELRMPCTLGWEAYTQPQAEGVGAARNACINWNQYYNVCRSGDSNPHNG
AINFDNIGYAWIAIFQVITLEGWVDIMYYVMDAHSFYNFIYFILLIIVGSFFMINLCLVVIATQFSETKQRESQLMREQR
ARHLSNDSTLASFSEPGSCYEELLKYVGHIFRKVKRRSLRLYARWQSRWRKKVDPGWMGRLWVTFSGKLRRIVDSKYFSR
GIMMAILVNTLSMGVEYHEQPEELTNALEISNIVFTSMFALEMLLKLLACGPLGYIRNPYNIFDGIIVVISVWEIVGQAD
GGLSVLRTFRLLRVLKLVRFLPALRRQLVVLVKTMDNVATFCTLLMLFIFIFSILGMHLFGCKFSLKTDTGDTVPDRKNF
DSLLWAIVTVFQILTQEDWNVVLYNGMASTSSWAALYFVALMTFGNYVLFNLLVAILVEGFQAEGDANRSDTDEDKTSVH
FEEDFHKLRELQTTELKMCSLAVTPNGHLEGRGSLSPPLIMCTAATPMPTPKSSPFLDAAPSLPDSRRGSSSSGDPPLGD
QKPPASLRSSPCAPWGPSGAWSSRRSSWSSLGRAPSLKRRGQCGERESLLSGEGKGSTDDEAEDGRAAPGPRATPLRRAE
SLDPRPLRPAALPPTKCRDRDGQVVALPSDFFLRIDSHREDAAELDDDSEDSCCLRLHKVLEPYKPQWCRSREAWALYLF
SPQNRFRVSCQKVITHKMFDHVVLVFIFLNCVTIALERPDIDPGSTERVFLSVSNYIFTAIFVAEMMVKVVALGLLSGEH
AYLQSSWNLLDGLLVLVSLVDIVVAMASAGGAKILGVLRVLRLLRTLRPLRVISRAPGLKLVVETLISSLRPIGNIVLIC
CAFFIIFGILGVQLFKGKFYYCEGPDTRNISTKAQCRAAHYRWVRRKYNFDNLGQALMSLFVLSSKDGWVNIMYDGLDAV
GVDQQPVQNHNPWMLLYFISFLLIVSFFVLNMFVGVVVENFHKCRQHQEAEEARRREEKRLRRLERRRRSTFPSPEAQRR
PYYADYSPTRRSIHSLCTSHYLDLFITFIICVNVITMSMEHYNQPKSLDEALKYCNYVFTIVFVFEAALKLVAFGFRRFF
KDRWNQLDLAIVLLSLMGITLEEIEMSAALPINPTIIRIMRVLRIARVLKLLKMATGMRALLDTVVQALPQVGNLGLLFM
LLFFIYAALGVELFGRLECSEDNPCEGLSRHATFSNFGMAFLTLFRVSTGDNWNGIMKDTLRECSREDKHCLSYLPALSP
VYFVTFVLVAQFVLVNVVVAVLMKHLEESNKEAREDAELDAEIELEMAQGPGSARRVDADRPPLPQESPGARDAPNLVAR
KVSVSRMLSLPNDSYMFRPVVPASAPHPRPLQEVEMETYGAGTPLGSVASVHSPPAESCASLQIPLAVSSPARSGEPLHA
LSPRGTARSPSLSRLLCRQEAVHTDSLEGKIDSPRDTLDPAEPGEKTPVRPVTQGGSLQSPPRSPRPASVRTRKHTFGQR
CVSSRPAAPGGEEAEASDPADEEVSHITSSACPWQPTAEPHGPEASPVAGGERDLRRLYSVDAQGFLDKPGRADEQWRPS
AELGSGEPGEAKAWGPEAEPALGARRKKKMSPPCISVEPPAEDEGSARPSAAEGGSTTLRRRTPSCEATPHRDSLEPTEG
SGAGGDPAAKGERWGQASCRAEHLTVPSFAFEPLDLGVPSGDPFLDGSHSVTPESRASSSGAIVPLEPPESEPPMPVGDP
PEKRRGLYLTVPQCPLEKPGSPSATPAPGGGADDPV
;
_entity_poly.pdbx_strand_id   A
#
# COMPACT_ATOMS: atom_id res chain seq x y z
N LEU A 139 -5.48 33.96 -40.68
CA LEU A 139 -6.44 33.00 -40.04
C LEU A 139 -5.71 31.96 -39.22
N VAL A 140 -4.90 31.13 -39.89
CA VAL A 140 -4.19 30.05 -39.23
C VAL A 140 -2.73 30.46 -39.01
N CYS A 141 -2.19 31.26 -39.93
CA CYS A 141 -0.80 31.69 -39.81
C CYS A 141 -0.60 32.57 -38.59
N ASN A 142 -1.55 33.44 -38.30
CA ASN A 142 -1.40 34.36 -37.19
C ASN A 142 -1.33 33.60 -35.88
N PRO A 143 -0.28 33.76 -35.08
CA PRO A 143 -0.17 32.96 -33.84
C PRO A 143 -1.31 33.22 -32.87
N TRP A 144 -1.91 34.41 -32.89
CA TRP A 144 -3.00 34.70 -31.96
C TRP A 144 -4.19 33.78 -32.16
N PHE A 145 -4.28 33.12 -33.31
CA PHE A 145 -5.37 32.17 -33.53
C PHE A 145 -5.34 31.04 -32.51
N GLU A 146 -4.14 30.53 -32.21
CA GLU A 146 -4.02 29.49 -31.19
C GLU A 146 -4.51 29.99 -29.83
N HIS A 147 -4.19 31.24 -29.49
CA HIS A 147 -4.69 31.81 -28.25
C HIS A 147 -6.21 31.84 -28.24
N VAL A 148 -6.82 32.18 -29.37
CA VAL A 148 -8.28 32.16 -29.47
C VAL A 148 -8.79 30.74 -29.27
N SER A 149 -8.13 29.75 -29.89
CA SER A 149 -8.54 28.36 -29.72
C SER A 149 -8.37 27.92 -28.27
N MET A 150 -7.27 28.30 -27.63
CA MET A 150 -7.06 27.92 -26.24
C MET A 150 -8.13 28.51 -25.34
N LEU A 151 -8.55 29.74 -25.62
CA LEU A 151 -9.60 30.36 -24.82
C LEU A 151 -10.89 29.54 -24.88
N VAL A 152 -11.25 29.06 -26.08
CA VAL A 152 -12.45 28.26 -26.22
C VAL A 152 -12.32 26.94 -25.49
N ILE A 153 -11.11 26.35 -25.50
CA ILE A 153 -10.90 25.06 -24.85
C ILE A 153 -11.18 25.18 -23.36
N MET A 154 -10.64 26.22 -22.71
CA MET A 154 -10.90 26.43 -21.30
C MET A 154 -12.39 26.68 -21.06
N LEU A 155 -13.03 27.43 -21.95
CA LEU A 155 -14.48 27.63 -21.81
C LEU A 155 -15.23 26.31 -21.95
N ASN A 156 -14.67 25.36 -22.69
CA ASN A 156 -15.31 24.05 -22.81
C ASN A 156 -14.98 23.16 -21.61
N CYS A 157 -13.95 23.49 -20.85
CA CYS A 157 -13.67 22.75 -19.63
C CYS A 157 -14.62 23.15 -18.50
N VAL A 158 -14.98 24.43 -18.43
CA VAL A 158 -15.90 24.88 -17.39
C VAL A 158 -17.31 24.36 -17.66
N THR A 159 -17.76 24.40 -18.91
CA THR A 159 -19.11 23.94 -19.21
C THR A 159 -19.27 22.46 -18.87
N LEU A 160 -18.20 21.68 -19.02
CA LEU A 160 -18.26 20.28 -18.62
C LEU A 160 -18.29 20.15 -17.10
N GLY A 161 -17.60 21.04 -16.39
CA GLY A 161 -17.53 20.96 -14.94
C GLY A 161 -18.79 21.39 -14.22
N MET A 162 -19.68 22.14 -14.87
CA MET A 162 -20.93 22.56 -14.25
C MET A 162 -22.06 21.57 -14.49
N PHE A 163 -21.79 20.44 -15.14
CA PHE A 163 -22.80 19.42 -15.32
C PHE A 163 -23.21 18.83 -13.97
N ARG A 164 -24.51 18.76 -13.73
CA ARG A 164 -25.03 18.13 -12.52
C ARG A 164 -25.54 16.74 -12.87
N PRO A 165 -25.01 15.68 -12.25
CA PRO A 165 -25.35 14.31 -12.70
C PRO A 165 -26.84 14.06 -12.88
N CYS A 166 -27.64 14.26 -11.83
CA CYS A 166 -29.05 13.88 -11.87
C CYS A 166 -29.96 15.07 -11.60
N GLU A 167 -29.57 16.24 -12.11
CA GLU A 167 -30.47 17.37 -12.28
C GLU A 167 -30.54 17.86 -13.71
N ASP A 168 -29.61 17.43 -14.56
CA ASP A 168 -29.56 17.82 -15.96
C ASP A 168 -30.13 16.78 -16.90
N VAL A 169 -30.25 15.52 -16.46
CA VAL A 169 -30.73 14.45 -17.33
C VAL A 169 -32.16 14.75 -17.77
N GLU A 170 -32.98 15.28 -16.86
CA GLU A 170 -34.35 15.63 -17.24
C GLU A 170 -34.37 16.71 -18.30
N CYS A 171 -33.42 17.65 -18.24
CA CYS A 171 -33.31 18.73 -19.22
C CYS A 171 -34.52 19.69 -19.14
N GLY A 172 -35.26 19.62 -18.05
CA GLY A 172 -36.44 20.45 -17.86
C GLY A 172 -36.17 21.80 -17.23
N SER A 173 -34.95 22.07 -16.79
CA SER A 173 -34.62 23.33 -16.14
C SER A 173 -34.11 24.35 -17.16
N GLU A 174 -34.14 25.62 -16.74
CA GLU A 174 -33.71 26.71 -17.62
C GLU A 174 -32.20 26.77 -17.74
N ARG A 175 -31.48 26.51 -16.65
CA ARG A 175 -30.01 26.57 -16.69
C ARG A 175 -29.45 25.55 -17.66
N CYS A 176 -29.99 24.33 -17.65
CA CYS A 176 -29.54 23.31 -18.59
C CYS A 176 -29.78 23.76 -20.02
N ASN A 177 -30.92 24.41 -20.28
CA ASN A 177 -31.25 24.82 -21.63
C ASN A 177 -30.21 25.80 -22.18
N ILE A 178 -29.78 26.78 -21.38
CA ILE A 178 -28.76 27.70 -21.85
C ILE A 178 -27.41 26.98 -21.98
N LEU A 179 -27.12 26.03 -21.08
CA LEU A 179 -25.85 25.33 -21.15
C LEU A 179 -25.75 24.49 -22.42
N GLU A 180 -26.85 23.81 -22.79
CA GLU A 180 -26.84 23.03 -24.02
C GLU A 180 -26.60 23.93 -25.23
N ALA A 181 -27.24 25.10 -25.25
CA ALA A 181 -26.96 26.06 -26.31
C ALA A 181 -25.50 26.49 -26.28
N PHE A 182 -24.94 26.68 -25.08
CA PHE A 182 -23.53 27.02 -24.96
C PHE A 182 -22.66 25.92 -25.55
N ASP A 183 -22.97 24.66 -25.27
CA ASP A 183 -22.19 23.55 -25.81
C ASP A 183 -22.29 23.51 -27.32
N ALA A 184 -23.50 23.72 -27.86
CA ALA A 184 -23.67 23.70 -29.31
C ALA A 184 -22.84 24.79 -29.97
N PHE A 185 -22.80 25.98 -29.38
CA PHE A 185 -22.00 27.07 -29.93
C PHE A 185 -20.53 26.70 -29.95
N ILE A 186 -20.05 26.04 -28.89
CA ILE A 186 -18.64 25.65 -28.84
C ILE A 186 -18.32 24.65 -29.95
N PHE A 187 -19.19 23.68 -30.18
CA PHE A 187 -18.96 22.72 -31.24
C PHE A 187 -18.93 23.38 -32.61
N ALA A 188 -19.76 24.40 -32.82
CA ALA A 188 -19.73 25.13 -34.09
C ALA A 188 -18.36 25.72 -34.35
N PHE A 189 -17.73 26.27 -33.31
CA PHE A 189 -16.38 26.82 -33.45
C PHE A 189 -15.40 25.74 -33.90
N PHE A 190 -15.40 24.61 -33.20
CA PHE A 190 -14.41 23.57 -33.49
C PHE A 190 -14.74 22.85 -34.79
N ALA A 191 -16.02 22.69 -35.11
CA ALA A 191 -16.40 22.18 -36.43
C ALA A 191 -15.93 23.13 -37.52
N VAL A 192 -16.11 24.44 -37.31
CA VAL A 192 -15.63 25.43 -38.28
C VAL A 192 -14.12 25.41 -38.34
N GLU A 193 -13.45 25.44 -37.18
CA GLU A 193 -12.00 25.52 -37.16
C GLU A 193 -11.37 24.33 -37.86
N MET A 194 -12.00 23.16 -37.76
CA MET A 194 -11.46 21.99 -38.45
C MET A 194 -11.58 22.15 -39.95
N VAL A 195 -12.66 22.78 -40.42
CA VAL A 195 -12.86 22.97 -41.86
C VAL A 195 -11.77 23.88 -42.42
N ILE A 196 -11.49 24.99 -41.75
CA ILE A 196 -10.46 25.91 -42.24
C ILE A 196 -9.10 25.23 -42.24
N LYS A 197 -8.81 24.45 -41.20
CA LYS A 197 -7.51 23.79 -41.12
C LYS A 197 -7.36 22.75 -42.23
N MET A 198 -8.41 21.99 -42.51
CA MET A 198 -8.37 21.05 -43.62
C MET A 198 -8.14 21.78 -44.94
N VAL A 199 -8.86 22.88 -45.16
CA VAL A 199 -8.75 23.60 -46.43
C VAL A 199 -7.33 24.15 -46.60
N ALA A 200 -6.79 24.74 -45.54
CA ALA A 200 -5.47 25.37 -45.63
C ALA A 200 -4.37 24.33 -45.82
N LEU A 201 -4.48 23.18 -45.15
CA LEU A 201 -3.42 22.17 -45.16
C LEU A 201 -3.77 20.90 -45.91
N GLY A 202 -5.05 20.60 -46.10
CA GLY A 202 -5.43 19.38 -46.77
C GLY A 202 -5.18 18.15 -45.92
N LEU A 203 -5.40 17.00 -46.53
CA LEU A 203 -5.19 15.72 -45.84
C LEU A 203 -3.70 15.46 -45.66
N ASP A 212 0.69 14.62 -38.36
CA ASP A 212 0.39 15.21 -37.05
C ASP A 212 -0.60 14.36 -36.28
N THR A 213 -0.12 13.65 -35.25
CA THR A 213 -1.00 12.78 -34.48
C THR A 213 -2.09 13.58 -33.76
N TRP A 214 -1.74 14.76 -33.25
CA TRP A 214 -2.71 15.56 -32.52
C TRP A 214 -3.86 15.98 -33.43
N ASN A 215 -3.57 16.33 -34.69
CA ASN A 215 -4.63 16.69 -35.61
C ASN A 215 -5.60 15.52 -35.80
N ARG A 216 -5.10 14.30 -35.78
CA ARG A 216 -5.98 13.13 -35.88
C ARG A 216 -6.92 13.06 -34.68
N LEU A 217 -6.38 13.32 -33.47
CA LEU A 217 -7.23 13.32 -32.29
C LEU A 217 -8.31 14.40 -32.38
N ASP A 218 -7.93 15.59 -32.87
CA ASP A 218 -8.93 16.65 -33.03
C ASP A 218 -10.01 16.23 -34.02
N PHE A 219 -9.63 15.54 -35.10
CA PHE A 219 -10.62 15.06 -36.06
C PHE A 219 -11.55 14.05 -35.42
N PHE A 220 -11.01 13.15 -34.59
CA PHE A 220 -11.84 12.13 -33.95
C PHE A 220 -12.89 12.77 -33.04
N ILE A 221 -12.50 13.80 -32.29
CA ILE A 221 -13.45 14.45 -31.40
C ILE A 221 -14.60 15.08 -32.20
N VAL A 222 -14.27 15.70 -33.34
CA VAL A 222 -15.29 16.37 -34.13
C VAL A 222 -16.29 15.36 -34.69
N VAL A 223 -15.80 14.28 -35.29
CA VAL A 223 -16.70 13.31 -35.90
C VAL A 223 -17.55 12.63 -34.83
N ALA A 224 -16.94 12.26 -33.70
CA ALA A 224 -17.71 11.63 -32.64
C ALA A 224 -18.76 12.58 -32.09
N GLY A 225 -18.41 13.85 -31.91
CA GLY A 225 -19.39 14.84 -31.47
C GLY A 225 -20.47 15.08 -32.49
N MET A 226 -20.10 15.05 -33.78
CA MET A 226 -21.10 15.21 -34.83
C MET A 226 -22.12 14.08 -34.79
N MET A 227 -21.68 12.85 -34.56
CA MET A 227 -22.60 11.74 -34.45
C MET A 227 -23.61 11.99 -33.33
N GLU A 228 -23.13 12.45 -32.17
CA GLU A 228 -24.03 12.76 -31.08
C GLU A 228 -25.00 13.87 -31.46
N TYR A 229 -24.47 14.93 -32.09
CA TYR A 229 -25.31 16.07 -32.44
C TYR A 229 -26.30 15.71 -33.54
N SER A 230 -25.83 14.97 -34.56
CA SER A 230 -26.71 14.59 -35.66
C SER A 230 -27.71 13.52 -35.25
N LEU A 231 -27.31 12.61 -34.35
CA LEU A 231 -28.19 11.54 -33.91
C LEU A 231 -29.33 12.04 -33.03
N ASP A 232 -29.30 13.31 -32.62
CA ASP A 232 -30.38 13.86 -31.81
C ASP A 232 -31.73 13.55 -32.44
N GLY A 233 -32.72 13.28 -31.60
CA GLY A 233 -34.04 12.87 -32.02
C GLY A 233 -34.30 11.39 -31.85
N HIS A 234 -33.25 10.59 -31.64
CA HIS A 234 -33.37 9.16 -31.36
C HIS A 234 -33.12 8.94 -29.87
N ASN A 235 -34.07 8.29 -29.21
CA ASN A 235 -33.98 8.04 -27.77
C ASN A 235 -33.21 6.77 -27.44
N VAL A 236 -32.72 6.04 -28.44
CA VAL A 236 -32.02 4.79 -28.21
C VAL A 236 -30.61 5.12 -27.75
N SER A 237 -30.37 5.03 -26.44
CA SER A 237 -29.04 5.22 -25.87
C SER A 237 -28.47 6.60 -26.21
N LEU A 238 -29.34 7.62 -26.23
CA LEU A 238 -28.88 8.97 -26.49
C LEU A 238 -27.94 9.45 -25.39
N SER A 239 -28.29 9.21 -24.12
CA SER A 239 -27.44 9.62 -23.02
C SER A 239 -26.11 8.89 -23.06
N ALA A 240 -26.13 7.59 -23.36
CA ALA A 240 -24.88 6.83 -23.40
C ALA A 240 -23.91 7.41 -24.42
N ILE A 241 -24.43 7.88 -25.56
CA ILE A 241 -23.58 8.53 -26.54
C ILE A 241 -23.04 9.84 -26.03
N ARG A 242 -23.65 10.43 -25.00
CA ARG A 242 -23.22 11.71 -24.45
C ARG A 242 -21.99 11.58 -23.56
N THR A 243 -21.40 10.39 -23.45
CA THR A 243 -20.21 10.21 -22.62
C THR A 243 -18.93 10.52 -23.38
N VAL A 244 -18.99 10.64 -24.71
CA VAL A 244 -17.77 10.83 -25.50
C VAL A 244 -17.21 12.24 -25.34
N ARG A 245 -18.01 13.18 -24.85
CA ARG A 245 -17.55 14.57 -24.74
C ARG A 245 -16.47 14.74 -23.67
N VAL A 246 -16.23 13.73 -22.84
CA VAL A 246 -15.22 13.84 -21.79
C VAL A 246 -13.80 13.87 -22.34
N LEU A 247 -13.61 13.55 -23.62
CA LEU A 247 -12.29 13.62 -24.23
C LEU A 247 -11.94 15.01 -24.74
N ARG A 248 -12.89 15.93 -24.77
CA ARG A 248 -12.62 17.25 -25.31
C ARG A 248 -11.49 17.97 -24.58
N PRO A 249 -11.36 17.90 -23.25
CA PRO A 249 -10.24 18.59 -22.59
C PRO A 249 -8.87 18.11 -23.06
N LEU A 250 -8.77 16.93 -23.67
CA LEU A 250 -7.48 16.46 -24.18
C LEU A 250 -6.92 17.37 -25.25
N ARG A 251 -7.76 18.18 -25.89
CA ARG A 251 -7.31 19.11 -26.92
C ARG A 251 -6.38 20.18 -26.36
N ALA A 252 -6.40 20.39 -25.04
CA ALA A 252 -5.51 21.37 -24.43
C ALA A 252 -4.06 20.92 -24.41
N ILE A 253 -3.79 19.64 -24.61
CA ILE A 253 -2.42 19.14 -24.56
C ILE A 253 -1.58 19.76 -25.68
N ASN A 254 -2.15 19.85 -26.88
CA ASN A 254 -1.39 20.37 -28.02
C ASN A 254 -1.19 21.87 -27.94
N ARG A 255 -2.10 22.59 -27.27
CA ARG A 255 -2.01 24.05 -27.25
C ARG A 255 -0.92 24.54 -26.31
N VAL A 256 -0.60 23.78 -25.27
CA VAL A 256 0.43 24.15 -24.30
C VAL A 256 1.74 23.49 -24.74
N PRO A 257 2.74 24.25 -25.20
CA PRO A 257 3.96 23.61 -25.70
C PRO A 257 4.66 22.74 -24.65
N SER A 258 4.70 23.19 -23.39
CA SER A 258 5.38 22.42 -22.37
C SER A 258 4.71 21.07 -22.16
N MET A 259 3.38 21.05 -22.11
CA MET A 259 2.67 19.78 -21.94
C MET A 259 2.88 18.86 -23.13
N ARG A 260 2.91 19.42 -24.34
CA ARG A 260 3.07 18.59 -25.53
C ARG A 260 4.40 17.86 -25.53
N ILE A 261 5.48 18.55 -25.14
CA ILE A 261 6.80 17.92 -25.13
C ILE A 261 6.84 16.79 -24.11
N LEU A 262 6.28 17.04 -22.92
CA LEU A 262 6.27 16.01 -21.89
C LEU A 262 5.45 14.79 -22.32
N VAL A 263 4.29 15.03 -22.92
CA VAL A 263 3.46 13.91 -23.37
C VAL A 263 4.17 13.13 -24.47
N THR A 264 4.80 13.85 -25.41
CA THR A 264 5.52 13.17 -26.48
C THR A 264 6.63 12.27 -25.93
N LEU A 265 7.36 12.77 -24.94
CA LEU A 265 8.37 11.93 -24.28
C LEU A 265 7.73 10.72 -23.61
N LEU A 266 6.58 10.93 -22.95
CA LEU A 266 5.89 9.82 -22.31
C LEU A 266 5.45 8.78 -23.33
N LEU A 267 4.83 9.23 -24.43
CA LEU A 267 4.35 8.29 -25.44
C LEU A 267 5.50 7.51 -26.08
N ASP A 268 6.71 8.09 -26.12
CA ASP A 268 7.86 7.41 -26.70
C ASP A 268 8.42 6.33 -25.77
N THR A 269 8.11 6.37 -24.49
CA THR A 269 8.56 5.36 -23.55
C THR A 269 7.60 4.18 -23.44
N LEU A 270 6.34 4.37 -23.82
CA LEU A 270 5.38 3.27 -23.75
C LEU A 270 5.81 2.04 -24.55
N PRO A 271 6.34 2.16 -25.76
CA PRO A 271 6.70 0.94 -26.52
C PRO A 271 7.64 0.03 -25.77
N MET A 272 8.46 0.55 -24.86
CA MET A 272 9.40 -0.26 -24.10
C MET A 272 8.75 -0.91 -22.88
N LEU A 273 7.48 -0.63 -22.62
CA LEU A 273 6.76 -1.25 -21.50
C LEU A 273 6.05 -2.54 -21.89
N GLY A 274 6.10 -2.92 -23.17
CA GLY A 274 5.45 -4.16 -23.57
C GLY A 274 6.06 -5.38 -22.90
N ASN A 275 7.37 -5.33 -22.64
CA ASN A 275 8.03 -6.43 -21.94
C ASN A 275 7.45 -6.61 -20.55
N VAL A 276 7.20 -5.52 -19.84
CA VAL A 276 6.56 -5.61 -18.53
C VAL A 276 5.11 -6.06 -18.68
N LEU A 277 4.44 -5.62 -19.74
CA LEU A 277 3.05 -6.00 -19.93
C LEU A 277 2.91 -7.50 -20.17
N LEU A 278 3.88 -8.12 -20.85
CA LEU A 278 3.85 -9.56 -21.01
C LEU A 278 3.97 -10.26 -19.65
N LEU A 279 4.86 -9.77 -18.79
CA LEU A 279 5.00 -10.35 -17.46
C LEU A 279 3.68 -10.25 -16.69
N CYS A 280 2.90 -9.20 -16.95
CA CYS A 280 1.60 -9.07 -16.31
C CYS A 280 0.65 -10.15 -16.79
N PHE A 281 0.68 -10.48 -18.09
CA PHE A 281 -0.21 -11.51 -18.61
C PHE A 281 0.09 -12.88 -17.99
N PHE A 282 1.38 -13.20 -17.83
CA PHE A 282 1.74 -14.46 -17.20
C PHE A 282 1.24 -14.53 -15.77
N VAL A 283 1.44 -13.46 -15.00
CA VAL A 283 1.02 -13.45 -13.60
C VAL A 283 -0.49 -13.56 -13.50
N PHE A 284 -1.21 -12.72 -14.25
CA PHE A 284 -2.67 -12.73 -14.16
C PHE A 284 -3.24 -14.03 -14.71
N PHE A 285 -2.69 -14.53 -15.82
CA PHE A 285 -3.18 -15.76 -16.40
C PHE A 285 -2.89 -16.96 -15.50
N ILE A 286 -1.68 -17.04 -14.94
CA ILE A 286 -1.30 -18.19 -14.14
C ILE A 286 -2.10 -18.23 -12.84
N PHE A 287 -2.17 -17.09 -12.14
CA PHE A 287 -2.92 -17.04 -10.90
C PHE A 287 -4.42 -16.95 -11.11
N GLY A 288 -4.86 -16.65 -12.33
CA GLY A 288 -6.28 -16.61 -12.61
C GLY A 288 -6.93 -17.95 -12.79
N ILE A 289 -6.18 -18.94 -13.28
CA ILE A 289 -6.72 -20.29 -13.44
C ILE A 289 -6.57 -21.10 -12.16
N VAL A 290 -5.41 -21.00 -11.49
CA VAL A 290 -5.24 -21.72 -10.24
C VAL A 290 -6.30 -21.28 -9.24
N GLY A 291 -6.63 -20.00 -9.22
CA GLY A 291 -7.71 -19.53 -8.36
C GLY A 291 -9.06 -20.06 -8.79
N VAL A 292 -9.32 -20.08 -10.10
CA VAL A 292 -10.61 -20.56 -10.60
C VAL A 292 -10.74 -22.07 -10.40
N GLN A 293 -9.68 -22.82 -10.70
CA GLN A 293 -9.75 -24.27 -10.56
C GLN A 293 -10.03 -24.67 -9.12
N LEU A 294 -9.50 -23.93 -8.15
CA LEU A 294 -9.63 -24.27 -6.75
C LEU A 294 -10.92 -23.77 -6.13
N TRP A 295 -11.21 -22.48 -6.26
CA TRP A 295 -12.26 -21.82 -5.48
C TRP A 295 -13.41 -21.36 -6.37
N ALA A 296 -13.81 -22.18 -7.34
CA ALA A 296 -14.93 -21.85 -8.20
C ALA A 296 -16.24 -22.19 -7.49
N GLY A 297 -17.02 -21.16 -7.17
CA GLY A 297 -18.31 -21.36 -6.57
C GLY A 297 -18.30 -21.67 -5.09
N LEU A 298 -17.14 -21.61 -4.44
CA LEU A 298 -17.07 -21.91 -3.01
C LEU A 298 -17.56 -20.76 -2.14
N LEU A 299 -17.52 -19.53 -2.63
CA LEU A 299 -17.94 -18.38 -1.84
C LEU A 299 -19.46 -18.22 -1.80
N ARG A 300 -20.19 -19.04 -2.54
CA ARG A 300 -21.64 -19.08 -2.43
C ARG A 300 -22.12 -19.95 -1.28
N ASN A 301 -21.20 -20.66 -0.61
CA ASN A 301 -21.59 -21.57 0.46
C ASN A 301 -22.24 -20.80 1.61
N ARG A 302 -23.34 -21.35 2.13
CA ARG A 302 -23.99 -20.80 3.30
C ARG A 302 -24.57 -21.96 4.10
N CYS A 303 -24.80 -21.73 5.40
CA CYS A 303 -25.38 -22.72 6.28
C CYS A 303 -26.89 -22.68 6.12
N PHE A 304 -27.46 -23.70 5.47
CA PHE A 304 -28.88 -23.78 5.20
C PHE A 304 -29.58 -24.71 6.18
N LEU A 305 -30.88 -24.49 6.33
CA LEU A 305 -31.71 -25.41 7.10
C LEU A 305 -32.00 -26.67 6.30
N ASP A 306 -32.06 -27.80 7.01
CA ASP A 306 -32.32 -29.07 6.35
C ASP A 306 -33.72 -29.07 5.73
N SER A 307 -33.82 -29.59 4.51
CA SER A 307 -35.11 -29.64 3.83
C SER A 307 -36.09 -30.53 4.58
N ALA A 308 -35.62 -31.68 5.07
CA ALA A 308 -36.51 -32.56 5.83
C ALA A 308 -36.97 -31.89 7.12
N PHE A 309 -36.07 -31.19 7.80
CA PHE A 309 -36.43 -30.53 9.06
C PHE A 309 -37.53 -29.49 8.84
N VAL A 310 -37.36 -28.64 7.82
CA VAL A 310 -38.35 -27.59 7.57
C VAL A 310 -39.65 -28.19 7.05
N ARG A 311 -39.56 -29.20 6.18
CA ARG A 311 -40.76 -29.80 5.61
C ARG A 311 -41.58 -30.50 6.67
N ASN A 312 -40.94 -31.37 7.45
CA ASN A 312 -41.69 -32.17 8.43
C ASN A 312 -42.30 -31.29 9.51
N ASN A 313 -41.54 -30.34 10.03
CA ASN A 313 -42.02 -29.51 11.14
C ASN A 313 -42.98 -28.42 10.70
N ASN A 314 -43.13 -28.20 9.40
CA ASN A 314 -44.10 -27.25 8.88
C ASN A 314 -43.92 -25.86 9.48
N LEU A 315 -42.67 -25.39 9.49
CA LEU A 315 -42.32 -24.05 9.91
C LEU A 315 -41.56 -23.35 8.80
N THR A 316 -41.89 -22.08 8.56
CA THR A 316 -41.25 -21.31 7.50
C THR A 316 -40.96 -19.87 7.95
N PHE A 317 -41.06 -19.60 9.26
CA PHE A 317 -40.82 -18.24 9.74
C PHE A 317 -39.35 -17.87 9.66
N LEU A 318 -38.47 -18.86 9.59
CA LEU A 318 -37.03 -18.62 9.59
C LEU A 318 -36.53 -18.25 8.21
N ARG A 319 -35.39 -17.55 8.19
CA ARG A 319 -34.67 -17.35 6.94
C ARG A 319 -34.07 -18.68 6.47
N PRO A 320 -33.97 -18.89 5.16
CA PRO A 320 -33.46 -20.19 4.68
C PRO A 320 -32.06 -20.52 5.16
N TYR A 321 -31.19 -19.52 5.32
CA TYR A 321 -29.80 -19.78 5.70
C TYR A 321 -29.35 -18.76 6.73
N TYR A 322 -28.31 -19.11 7.48
CA TYR A 322 -27.81 -18.23 8.52
C TYR A 322 -27.18 -16.98 7.90
N GLN A 323 -27.62 -15.82 8.37
CA GLN A 323 -26.98 -14.55 8.02
C GLN A 323 -27.11 -13.63 9.22
N THR A 324 -25.97 -13.07 9.65
CA THR A 324 -25.98 -12.16 10.78
C THR A 324 -26.94 -11.01 10.54
N GLU A 325 -27.28 -10.31 11.63
CA GLU A 325 -28.25 -9.23 11.54
C GLU A 325 -27.82 -8.15 10.56
N GLU A 326 -26.52 -8.05 10.27
CA GLU A 326 -26.06 -7.11 9.25
C GLU A 326 -26.50 -7.51 7.86
N GLY A 327 -26.93 -8.76 7.68
CA GLY A 327 -27.43 -9.21 6.39
C GLY A 327 -26.34 -9.76 5.50
N GLU A 328 -26.52 -9.61 4.17
CA GLU A 328 -25.56 -10.11 3.21
C GLU A 328 -24.26 -9.31 3.20
N GLU A 329 -24.21 -8.17 3.89
CA GLU A 329 -23.01 -7.34 3.89
C GLU A 329 -21.87 -8.03 4.65
N ASN A 330 -22.17 -8.97 5.53
CA ASN A 330 -21.17 -9.72 6.27
C ASN A 330 -21.53 -11.21 6.20
N PRO A 331 -21.34 -11.83 5.04
CA PRO A 331 -21.78 -13.22 4.87
C PRO A 331 -20.99 -14.18 5.75
N PHE A 332 -21.64 -15.27 6.13
CA PHE A 332 -21.02 -16.34 6.92
C PHE A 332 -20.77 -17.51 5.97
N ILE A 333 -19.56 -17.55 5.42
CA ILE A 333 -19.20 -18.59 4.45
C ILE A 333 -18.74 -19.82 5.20
N CYS A 334 -19.43 -20.94 4.98
CA CYS A 334 -19.09 -22.20 5.61
C CYS A 334 -18.19 -23.02 4.70
N SER A 335 -17.68 -24.12 5.24
CA SER A 335 -16.84 -25.05 4.50
C SER A 335 -17.65 -26.30 4.20
N SER A 336 -17.66 -26.72 2.94
CA SER A 336 -18.41 -27.90 2.54
C SER A 336 -17.90 -29.13 3.30
N ARG A 337 -18.70 -30.20 3.27
CA ARG A 337 -18.32 -31.41 3.96
C ARG A 337 -17.06 -32.03 3.36
N ARG A 338 -16.90 -31.97 2.05
CA ARG A 338 -15.75 -32.57 1.39
C ARG A 338 -14.51 -31.66 1.41
N ASP A 339 -14.62 -30.46 1.95
CA ASP A 339 -13.50 -29.53 2.05
C ASP A 339 -13.03 -29.46 3.50
N ASN A 340 -11.91 -28.76 3.70
CA ASN A 340 -11.28 -28.63 5.01
C ASN A 340 -11.05 -27.16 5.34
N GLY A 341 -12.05 -26.33 5.06
CA GLY A 341 -11.97 -24.94 5.41
C GLY A 341 -12.04 -24.73 6.92
N MET A 342 -11.57 -23.56 7.35
CA MET A 342 -11.50 -23.29 8.79
C MET A 342 -12.89 -23.09 9.38
N GLN A 343 -13.78 -22.43 8.66
CA GLN A 343 -15.10 -22.09 9.15
C GLN A 343 -16.09 -23.20 8.78
N LYS A 344 -16.75 -23.76 9.78
CA LYS A 344 -17.73 -24.81 9.59
C LYS A 344 -19.09 -24.34 10.11
N CYS A 345 -20.14 -25.08 9.74
CA CYS A 345 -21.48 -24.75 10.19
C CYS A 345 -21.69 -25.02 11.68
N SER A 346 -20.73 -25.68 12.33
CA SER A 346 -20.81 -25.92 13.77
C SER A 346 -20.22 -24.79 14.60
N HIS A 347 -19.63 -23.78 13.96
CA HIS A 347 -19.10 -22.62 14.66
C HIS A 347 -20.13 -21.51 14.78
N ILE A 348 -21.37 -21.75 14.36
CA ILE A 348 -22.41 -20.72 14.39
C ILE A 348 -22.66 -20.30 15.84
N PRO A 349 -22.59 -19.01 16.18
CA PRO A 349 -22.92 -18.60 17.55
C PRO A 349 -24.38 -18.90 17.87
N GLY A 350 -24.63 -19.20 19.14
CA GLY A 350 -25.98 -19.51 19.59
C GLY A 350 -26.86 -18.28 19.65
N ARG A 351 -28.14 -18.52 19.91
CA ARG A 351 -29.09 -17.44 20.01
C ARG A 351 -28.72 -16.49 21.14
N ARG A 352 -28.96 -15.20 20.94
CA ARG A 352 -28.63 -14.19 21.94
C ARG A 352 -29.67 -13.08 21.94
N ILE A 381 -35.51 -24.10 21.46
CA ILE A 381 -35.28 -22.84 22.15
C ILE A 381 -34.24 -22.01 21.40
N ASN A 382 -33.26 -22.69 20.82
CA ASN A 382 -32.17 -22.05 20.09
C ASN A 382 -32.29 -22.39 18.61
N TRP A 383 -32.51 -21.37 17.78
CA TRP A 383 -32.70 -21.62 16.36
C TRP A 383 -31.38 -21.79 15.62
N ASN A 384 -30.33 -21.09 16.07
CA ASN A 384 -29.07 -21.08 15.32
C ASN A 384 -28.45 -22.47 15.21
N GLN A 385 -28.78 -23.37 16.14
CA GLN A 385 -28.17 -24.70 16.12
C GLN A 385 -28.71 -25.57 14.99
N TYR A 386 -29.76 -25.14 14.30
CA TYR A 386 -30.36 -25.95 13.24
C TYR A 386 -29.88 -25.58 11.85
N TYR A 387 -28.93 -24.65 11.73
CA TYR A 387 -28.28 -24.35 10.45
C TYR A 387 -27.07 -25.27 10.33
N ASN A 388 -27.29 -26.46 9.79
CA ASN A 388 -26.27 -27.51 9.78
C ASN A 388 -26.18 -28.17 8.41
N VAL A 389 -26.33 -27.38 7.35
CA VAL A 389 -26.16 -27.87 5.99
C VAL A 389 -25.44 -26.77 5.20
N CYS A 390 -24.27 -27.11 4.65
CA CYS A 390 -23.45 -26.16 3.90
C CYS A 390 -23.55 -26.52 2.42
N ARG A 391 -24.40 -25.80 1.69
CA ARG A 391 -24.57 -26.00 0.26
C ARG A 391 -24.56 -24.64 -0.43
N SER A 392 -24.29 -24.68 -1.73
CA SER A 392 -24.12 -23.44 -2.50
C SER A 392 -25.36 -22.57 -2.41
N GLY A 393 -25.14 -21.27 -2.22
CA GLY A 393 -26.21 -20.30 -2.18
C GLY A 393 -26.50 -19.72 -3.55
N ASP A 394 -26.91 -18.45 -3.59
CA ASP A 394 -27.25 -17.80 -4.86
C ASP A 394 -26.58 -16.44 -5.01
N SER A 395 -25.55 -16.15 -4.21
CA SER A 395 -24.88 -14.87 -4.31
C SER A 395 -23.49 -14.97 -3.69
N ASN A 396 -22.54 -14.25 -4.27
CA ASN A 396 -21.18 -14.18 -3.76
C ASN A 396 -21.01 -12.93 -2.91
N PRO A 397 -19.90 -12.82 -2.19
CA PRO A 397 -19.71 -11.64 -1.33
C PRO A 397 -19.68 -10.35 -2.12
N HIS A 398 -20.18 -9.29 -1.49
CA HIS A 398 -20.15 -7.93 -2.05
C HIS A 398 -21.02 -7.83 -3.30
N ASN A 399 -22.27 -8.25 -3.18
CA ASN A 399 -23.23 -8.18 -4.29
C ASN A 399 -22.68 -8.88 -5.53
N GLY A 400 -22.00 -10.00 -5.32
CA GLY A 400 -21.45 -10.76 -6.42
C GLY A 400 -20.14 -10.24 -6.98
N ALA A 401 -19.57 -9.20 -6.38
CA ALA A 401 -18.37 -8.59 -6.95
C ALA A 401 -17.15 -9.49 -6.79
N ILE A 402 -17.00 -10.11 -5.62
CA ILE A 402 -15.82 -10.89 -5.29
C ILE A 402 -16.18 -12.37 -5.42
N ASN A 403 -15.47 -13.08 -6.28
CA ASN A 403 -15.66 -14.51 -6.48
C ASN A 403 -14.63 -15.00 -7.47
N PHE A 404 -14.55 -16.33 -7.62
CA PHE A 404 -13.68 -16.97 -8.59
C PHE A 404 -14.47 -17.90 -9.50
N ASP A 405 -15.68 -17.49 -9.90
CA ASP A 405 -16.53 -18.35 -10.70
C ASP A 405 -16.05 -18.47 -12.14
N ASN A 406 -15.33 -17.47 -12.65
CA ASN A 406 -14.78 -17.52 -14.00
C ASN A 406 -13.57 -16.62 -14.07
N ILE A 407 -12.85 -16.71 -15.18
CA ILE A 407 -11.58 -15.99 -15.32
C ILE A 407 -11.80 -14.48 -15.23
N GLY A 408 -12.96 -14.01 -15.67
CA GLY A 408 -13.24 -12.58 -15.58
C GLY A 408 -13.32 -12.09 -14.16
N TYR A 409 -14.04 -12.83 -13.31
CA TYR A 409 -14.17 -12.46 -11.91
C TYR A 409 -12.92 -12.79 -11.09
N ALA A 410 -12.07 -13.69 -11.58
CA ALA A 410 -10.83 -14.00 -10.90
C ALA A 410 -9.78 -12.92 -11.12
N TRP A 411 -9.84 -12.21 -12.24
CA TRP A 411 -8.89 -11.12 -12.49
C TRP A 411 -9.24 -9.88 -11.68
N ILE A 412 -10.52 -9.65 -11.40
CA ILE A 412 -10.89 -8.55 -10.52
C ILE A 412 -10.32 -8.76 -9.13
N ALA A 413 -10.42 -9.99 -8.62
CA ALA A 413 -9.85 -10.29 -7.31
C ALA A 413 -8.33 -10.18 -7.33
N ILE A 414 -7.70 -10.68 -8.40
CA ILE A 414 -6.24 -10.65 -8.48
C ILE A 414 -5.74 -9.21 -8.60
N PHE A 415 -6.44 -8.38 -9.37
CA PHE A 415 -6.04 -6.98 -9.48
C PHE A 415 -6.12 -6.28 -8.14
N GLN A 416 -7.18 -6.54 -7.37
CA GLN A 416 -7.31 -5.93 -6.06
C GLN A 416 -6.20 -6.37 -5.12
N VAL A 417 -5.72 -7.60 -5.25
CA VAL A 417 -4.62 -8.08 -4.41
C VAL A 417 -3.32 -7.38 -4.79
N ILE A 418 -3.11 -7.12 -6.07
CA ILE A 418 -1.88 -6.49 -6.52
C ILE A 418 -1.79 -5.06 -6.00
N THR A 419 -2.92 -4.38 -5.84
CA THR A 419 -2.94 -3.05 -5.27
C THR A 419 -2.83 -3.05 -3.74
N LEU A 420 -2.89 -4.23 -3.10
CA LEU A 420 -2.70 -4.36 -1.66
C LEU A 420 -3.81 -3.70 -0.86
N GLU A 421 -4.97 -3.47 -1.47
CA GLU A 421 -6.12 -2.88 -0.80
C GLU A 421 -7.16 -3.97 -0.59
N GLY A 422 -7.42 -4.30 0.68
CA GLY A 422 -8.42 -5.30 0.98
C GLY A 422 -8.07 -6.70 0.49
N TRP A 423 -6.79 -6.99 0.29
CA TRP A 423 -6.40 -8.31 -0.17
C TRP A 423 -6.52 -9.36 0.92
N VAL A 424 -6.44 -8.96 2.19
CA VAL A 424 -6.60 -9.91 3.28
C VAL A 424 -8.03 -10.42 3.34
N ASP A 425 -9.00 -9.54 3.06
CA ASP A 425 -10.40 -9.97 3.11
C ASP A 425 -10.66 -11.09 2.10
N ILE A 426 -10.08 -10.99 0.92
CA ILE A 426 -10.22 -12.06 -0.06
C ILE A 426 -9.57 -13.35 0.44
N MET A 427 -8.40 -13.22 1.06
CA MET A 427 -7.73 -14.39 1.61
C MET A 427 -8.58 -15.08 2.66
N TYR A 428 -9.14 -14.30 3.59
CA TYR A 428 -9.92 -14.89 4.67
C TYR A 428 -11.16 -15.61 4.14
N TYR A 429 -11.72 -15.14 3.01
CA TYR A 429 -12.88 -15.81 2.44
C TYR A 429 -12.55 -17.22 2.00
N VAL A 430 -11.43 -17.41 1.30
CA VAL A 430 -11.06 -18.73 0.81
C VAL A 430 -10.47 -19.60 1.90
N MET A 431 -9.84 -19.00 2.93
CA MET A 431 -9.44 -19.78 4.08
C MET A 431 -10.64 -20.36 4.81
N ASP A 432 -11.72 -19.58 4.92
CA ASP A 432 -12.94 -20.03 5.58
C ASP A 432 -13.71 -21.06 4.76
N ALA A 433 -13.40 -21.23 3.48
CA ALA A 433 -14.17 -22.10 2.61
C ALA A 433 -13.39 -23.28 2.07
N HIS A 434 -12.10 -23.14 1.81
CA HIS A 434 -11.32 -24.21 1.19
C HIS A 434 -10.26 -24.80 2.12
N SER A 435 -9.37 -23.98 2.66
CA SER A 435 -8.27 -24.51 3.45
C SER A 435 -7.45 -23.36 4.02
N PHE A 436 -6.87 -23.60 5.20
CA PHE A 436 -6.03 -22.59 5.82
C PHE A 436 -4.72 -22.37 5.05
N TYR A 437 -4.30 -23.36 4.27
CA TYR A 437 -3.04 -23.28 3.54
C TYR A 437 -3.16 -22.52 2.23
N ASN A 438 -4.19 -21.68 2.08
CA ASN A 438 -4.32 -20.83 0.92
C ASN A 438 -3.54 -19.53 1.06
N PHE A 439 -2.91 -19.28 2.21
CA PHE A 439 -2.05 -18.10 2.34
C PHE A 439 -0.78 -18.23 1.51
N ILE A 440 -0.43 -19.44 1.08
CA ILE A 440 0.71 -19.61 0.18
C ILE A 440 0.40 -18.98 -1.17
N TYR A 441 -0.82 -19.15 -1.66
CA TYR A 441 -1.20 -18.57 -2.93
C TYR A 441 -1.08 -17.05 -2.91
N PHE A 442 -1.52 -16.43 -1.83
CA PHE A 442 -1.51 -14.97 -1.76
C PHE A 442 -0.12 -14.42 -1.44
N ILE A 443 0.68 -15.15 -0.66
CA ILE A 443 2.02 -14.68 -0.34
C ILE A 443 2.88 -14.60 -1.60
N LEU A 444 2.76 -15.61 -2.48
CA LEU A 444 3.52 -15.58 -3.72
C LEU A 444 3.02 -14.46 -4.64
N LEU A 445 1.70 -14.25 -4.69
CA LEU A 445 1.16 -13.20 -5.54
C LEU A 445 1.62 -11.83 -5.07
N ILE A 446 1.65 -11.61 -3.76
CA ILE A 446 2.13 -10.33 -3.23
C ILE A 446 3.61 -10.12 -3.52
N ILE A 447 4.37 -11.18 -3.73
CA ILE A 447 5.81 -11.08 -3.98
C ILE A 447 6.05 -11.00 -5.48
N VAL A 448 5.54 -11.98 -6.22
CA VAL A 448 5.80 -12.04 -7.65
C VAL A 448 5.18 -10.84 -8.36
N GLY A 449 3.93 -10.52 -8.03
CA GLY A 449 3.21 -9.50 -8.77
C GLY A 449 3.16 -8.15 -8.10
N SER A 450 2.85 -8.11 -6.81
CA SER A 450 2.61 -6.83 -6.15
C SER A 450 3.91 -6.07 -5.90
N PHE A 451 5.02 -6.77 -5.73
CA PHE A 451 6.28 -6.11 -5.43
C PHE A 451 7.17 -6.00 -6.67
N PHE A 452 7.49 -7.13 -7.29
CA PHE A 452 8.46 -7.12 -8.39
C PHE A 452 7.84 -6.62 -9.68
N MET A 453 6.69 -7.16 -10.07
CA MET A 453 6.09 -6.79 -11.35
C MET A 453 5.71 -5.31 -11.36
N ILE A 454 5.14 -4.81 -10.26
CA ILE A 454 4.69 -3.43 -10.22
C ILE A 454 5.84 -2.45 -10.07
N ASN A 455 6.97 -2.88 -9.51
CA ASN A 455 8.14 -2.02 -9.38
C ASN A 455 9.07 -2.12 -10.58
N LEU A 456 8.98 -3.18 -11.36
CA LEU A 456 9.70 -3.23 -12.63
C LEU A 456 9.19 -2.17 -13.60
N CYS A 457 7.92 -1.75 -13.44
CA CYS A 457 7.41 -0.64 -14.23
C CYS A 457 8.17 0.64 -13.93
N LEU A 458 8.44 0.90 -12.64
CA LEU A 458 9.20 2.08 -12.27
C LEU A 458 10.63 1.98 -12.80
N VAL A 459 11.24 0.79 -12.71
CA VAL A 459 12.61 0.62 -13.17
C VAL A 459 12.72 0.88 -14.67
N VAL A 460 11.78 0.33 -15.45
CA VAL A 460 11.85 0.47 -16.89
C VAL A 460 11.61 1.91 -17.31
N ILE A 461 10.61 2.57 -16.74
CA ILE A 461 10.29 3.94 -17.13
C ILE A 461 11.43 4.88 -16.77
N ALA A 462 11.96 4.74 -15.55
CA ALA A 462 13.03 5.64 -15.11
C ALA A 462 14.27 5.48 -15.99
N THR A 463 14.62 4.24 -16.32
CA THR A 463 15.78 4.01 -17.18
C THR A 463 15.56 4.60 -18.57
N GLN A 464 14.38 4.40 -19.14
CA GLN A 464 14.13 4.85 -20.50
C GLN A 464 14.10 6.37 -20.59
N PHE A 465 13.54 7.04 -19.59
CA PHE A 465 13.53 8.50 -19.59
C PHE A 465 14.96 9.05 -19.59
N SER A 466 15.84 8.46 -18.79
CA SER A 466 17.23 8.91 -18.77
C SER A 466 17.90 8.73 -20.11
N GLU A 467 17.44 7.77 -20.91
CA GLU A 467 18.02 7.48 -22.21
C GLU A 467 17.47 8.36 -23.32
N THR A 468 16.53 9.25 -23.02
CA THR A 468 15.95 10.13 -24.03
C THR A 468 16.16 11.59 -23.64
N ARG A 551 27.36 46.23 15.03
CA ARG A 551 28.51 45.48 15.53
C ARG A 551 28.05 44.37 16.47
N ILE A 552 27.33 44.74 17.52
CA ILE A 552 26.82 43.75 18.47
C ILE A 552 25.78 42.87 17.80
N VAL A 553 24.96 43.44 16.92
CA VAL A 553 23.91 42.66 16.27
C VAL A 553 24.51 41.53 15.45
N ASP A 554 25.62 41.79 14.75
CA ASP A 554 26.28 40.76 13.96
C ASP A 554 27.00 39.73 14.82
N SER A 555 27.10 39.94 16.12
CA SER A 555 27.81 39.01 16.99
C SER A 555 27.16 37.64 16.94
N LYS A 556 28.00 36.60 17.04
CA LYS A 556 27.49 35.23 17.00
C LYS A 556 26.53 34.97 18.16
N TYR A 557 26.86 35.48 19.35
CA TYR A 557 26.01 35.26 20.50
C TYR A 557 24.62 35.84 20.29
N PHE A 558 24.55 37.04 19.69
CA PHE A 558 23.26 37.65 19.43
C PHE A 558 22.42 36.78 18.50
N SER A 559 23.03 36.24 17.45
CA SER A 559 22.30 35.35 16.55
C SER A 559 21.84 34.09 17.28
N ARG A 560 22.71 33.52 18.11
CA ARG A 560 22.32 32.34 18.88
C ARG A 560 21.22 32.68 19.87
N GLY A 561 21.29 33.85 20.49
CA GLY A 561 20.23 34.24 21.42
C GLY A 561 18.88 34.37 20.75
N ILE A 562 18.85 34.98 19.56
CA ILE A 562 17.60 35.09 18.82
C ILE A 562 17.11 33.71 18.39
N MET A 563 18.04 32.81 18.06
CA MET A 563 17.65 31.47 17.65
C MET A 563 16.86 30.76 18.74
N MET A 564 17.36 30.78 19.98
CA MET A 564 16.69 30.06 21.05
C MET A 564 15.38 30.73 21.44
N ALA A 565 15.28 32.04 21.21
CA ALA A 565 14.02 32.73 21.43
C ALA A 565 12.93 32.18 20.52
N ILE A 566 13.27 31.96 19.24
CA ILE A 566 12.29 31.40 18.30
C ILE A 566 12.01 29.95 18.66
N LEU A 567 13.06 29.17 18.91
CA LEU A 567 12.86 27.74 19.18
C LEU A 567 12.02 27.52 20.42
N VAL A 568 12.32 28.24 21.51
CA VAL A 568 11.56 28.07 22.74
C VAL A 568 10.11 28.48 22.52
N ASN A 569 9.88 29.54 21.76
CA ASN A 569 8.52 29.96 21.47
C ASN A 569 7.77 28.88 20.70
N THR A 570 8.44 28.22 19.75
CA THR A 570 7.80 27.15 18.99
C THR A 570 7.38 26.01 19.90
N LEU A 571 8.25 25.62 20.84
CA LEU A 571 7.91 24.54 21.76
C LEU A 571 6.73 24.93 22.64
N SER A 572 6.70 26.18 23.10
CA SER A 572 5.60 26.62 23.96
C SER A 572 4.27 26.56 23.23
N MET A 573 4.29 26.69 21.90
CA MET A 573 3.04 26.64 21.14
C MET A 573 2.41 25.25 21.16
N GLY A 574 3.23 24.20 21.24
CA GLY A 574 2.75 22.83 21.19
C GLY A 574 2.46 22.21 22.53
N VAL A 575 2.34 23.00 23.60
CA VAL A 575 2.05 22.48 24.94
C VAL A 575 0.57 22.58 25.27
N GLU A 576 -0.25 23.06 24.35
CA GLU A 576 -1.69 23.15 24.58
C GLU A 576 -2.35 21.79 24.38
N TYR A 577 -3.55 21.66 24.92
CA TYR A 577 -4.31 20.42 24.81
C TYR A 577 -5.74 20.67 25.24
N HIS A 578 -6.55 19.62 25.15
CA HIS A 578 -7.96 19.74 25.51
C HIS A 578 -8.12 19.83 27.02
N GLU A 579 -9.21 20.47 27.45
CA GLU A 579 -9.45 20.73 28.87
C GLU A 579 -8.26 21.46 29.49
N GLN A 580 -7.73 22.43 28.77
CA GLN A 580 -6.55 23.16 29.23
C GLN A 580 -6.88 23.92 30.51
N PRO A 581 -6.03 23.86 31.53
CA PRO A 581 -6.26 24.68 32.72
C PRO A 581 -6.24 26.16 32.37
N GLU A 582 -7.05 26.93 33.09
CA GLU A 582 -7.15 28.36 32.82
C GLU A 582 -5.81 29.06 33.05
N GLU A 583 -5.11 28.68 34.13
CA GLU A 583 -3.83 29.30 34.42
C GLU A 583 -2.82 29.04 33.32
N LEU A 584 -2.81 27.81 32.77
CA LEU A 584 -1.89 27.50 31.68
C LEU A 584 -2.18 28.37 30.46
N THR A 585 -3.45 28.58 30.14
CA THR A 585 -3.80 29.43 29.00
C THR A 585 -3.30 30.85 29.22
N ASN A 586 -3.46 31.38 30.45
CA ASN A 586 -2.97 32.71 30.74
C ASN A 586 -1.45 32.78 30.61
N ALA A 587 -0.75 31.73 31.05
CA ALA A 587 0.71 31.74 30.97
C ALA A 587 1.17 31.79 29.52
N LEU A 588 0.52 31.03 28.64
CA LEU A 588 0.93 31.01 27.24
C LEU A 588 0.80 32.38 26.60
N GLU A 589 -0.30 33.08 26.87
CA GLU A 589 -0.47 34.41 26.29
C GLU A 589 0.60 35.36 26.79
N ILE A 590 0.94 35.29 28.08
CA ILE A 590 2.01 36.13 28.61
C ILE A 590 3.32 35.79 27.91
N SER A 591 3.58 34.50 27.67
CA SER A 591 4.78 34.11 26.95
C SER A 591 4.79 34.69 25.55
N ASN A 592 3.64 34.69 24.88
CA ASN A 592 3.55 35.28 23.54
C ASN A 592 3.86 36.78 23.58
N ILE A 593 3.37 37.47 24.62
CA ILE A 593 3.62 38.90 24.74
C ILE A 593 5.11 39.17 24.84
N VAL A 594 5.82 38.36 25.61
CA VAL A 594 7.25 38.55 25.80
C VAL A 594 8.00 38.29 24.50
N PHE A 595 7.70 37.16 23.84
CA PHE A 595 8.48 36.76 22.68
C PHE A 595 8.30 37.74 21.53
N THR A 596 7.06 38.16 21.27
CA THR A 596 6.83 39.12 20.20
C THR A 596 7.51 40.44 20.50
N SER A 597 7.52 40.85 21.78
CA SER A 597 8.24 42.07 22.15
C SER A 597 9.73 41.92 21.88
N MET A 598 10.30 40.75 22.18
CA MET A 598 11.72 40.53 21.92
C MET A 598 12.01 40.61 20.43
N PHE A 599 11.14 40.04 19.60
CA PHE A 599 11.31 40.19 18.15
C PHE A 599 11.16 41.65 17.74
N ALA A 600 10.22 42.37 18.37
CA ALA A 600 10.09 43.79 18.11
C ALA A 600 11.36 44.54 18.53
N LEU A 601 11.95 44.17 19.66
CA LEU A 601 13.20 44.79 20.08
C LEU A 601 14.30 44.56 19.07
N GLU A 602 14.41 43.33 18.56
CA GLU A 602 15.38 43.07 17.49
C GLU A 602 15.03 43.82 16.22
N MET A 603 13.74 44.00 15.95
CA MET A 603 13.34 44.76 14.78
C MET A 603 13.84 46.19 14.85
N LEU A 604 13.75 46.82 16.02
CA LEU A 604 14.21 48.19 16.18
C LEU A 604 15.74 48.27 16.10
N LEU A 605 16.43 47.34 16.74
CA LEU A 605 17.89 47.41 16.78
C LEU A 605 18.50 47.30 15.40
N LYS A 606 17.99 46.36 14.58
CA LYS A 606 18.55 46.18 13.24
C LYS A 606 18.27 47.39 12.36
N LEU A 607 17.12 48.03 12.53
CA LEU A 607 16.79 49.21 11.74
C LEU A 607 17.78 50.34 11.99
N LEU A 608 18.12 50.57 13.25
CA LEU A 608 19.05 51.66 13.57
C LEU A 608 20.43 51.40 13.00
N ALA A 609 20.93 50.16 13.14
CA ALA A 609 22.29 49.87 12.69
C ALA A 609 22.44 50.05 11.19
N CYS A 610 21.46 49.57 10.41
CA CYS A 610 21.54 49.60 8.96
C CYS A 610 20.64 50.65 8.31
N GLY A 611 19.74 51.27 9.07
CA GLY A 611 18.85 52.27 8.53
C GLY A 611 17.69 51.64 7.80
N PRO A 612 16.65 52.44 7.50
CA PRO A 612 15.48 51.87 6.81
C PRO A 612 15.81 51.24 5.47
N LEU A 613 16.72 51.83 4.71
CA LEU A 613 17.07 51.27 3.41
C LEU A 613 17.96 50.04 3.56
N GLY A 614 18.91 50.07 4.50
CA GLY A 614 19.79 48.93 4.69
C GLY A 614 19.03 47.68 5.11
N TYR A 615 18.04 47.84 5.99
CA TYR A 615 17.27 46.70 6.45
C TYR A 615 16.52 46.04 5.30
N ILE A 616 15.92 46.84 4.42
CA ILE A 616 15.17 46.30 3.29
C ILE A 616 16.08 45.57 2.32
N ARG A 617 17.38 45.87 2.33
CA ARG A 617 18.30 45.21 1.40
C ARG A 617 18.32 43.70 1.63
N ASN A 618 18.37 43.29 2.89
CA ASN A 618 18.43 41.86 3.19
C ASN A 618 17.07 41.22 2.94
N PRO A 619 16.97 40.20 2.09
CA PRO A 619 15.65 39.60 1.84
C PRO A 619 15.02 39.00 3.08
N TYR A 620 15.81 38.35 3.94
CA TYR A 620 15.25 37.75 5.14
C TYR A 620 14.74 38.80 6.11
N ASN A 621 15.46 39.92 6.22
CA ASN A 621 15.01 41.00 7.09
C ASN A 621 13.61 41.47 6.70
N ILE A 622 13.27 41.39 5.41
CA ILE A 622 11.93 41.77 4.97
C ILE A 622 10.89 40.84 5.59
N PHE A 623 11.16 39.52 5.55
CA PHE A 623 10.20 38.56 6.10
C PHE A 623 10.02 38.76 7.60
N ASP A 624 11.11 39.04 8.32
CA ASP A 624 11.00 39.25 9.76
C ASP A 624 10.08 40.42 10.07
N GLY A 625 10.20 41.51 9.31
CA GLY A 625 9.35 42.66 9.54
C GLY A 625 7.88 42.33 9.35
N ILE A 626 7.56 41.52 8.34
CA ILE A 626 6.17 41.15 8.09
C ILE A 626 5.58 40.40 9.28
N ILE A 627 6.42 39.71 10.05
CA ILE A 627 5.91 38.94 11.18
C ILE A 627 5.62 39.83 12.38
N VAL A 628 6.47 40.83 12.64
CA VAL A 628 6.30 41.65 13.83
C VAL A 628 4.97 42.41 13.79
N VAL A 629 4.59 42.91 12.61
CA VAL A 629 3.38 43.71 12.51
C VAL A 629 2.15 42.89 12.89
N ILE A 630 2.09 41.64 12.43
CA ILE A 630 0.93 40.80 12.74
C ILE A 630 0.93 40.43 14.23
N SER A 631 2.10 40.11 14.77
CA SER A 631 2.18 39.76 16.19
C SER A 631 1.70 40.92 17.06
N VAL A 632 2.14 42.14 16.76
CA VAL A 632 1.65 43.30 17.48
C VAL A 632 0.19 43.56 17.16
N TRP A 633 -0.20 43.36 15.90
CA TRP A 633 -1.60 43.55 15.51
C TRP A 633 -2.52 42.66 16.33
N GLU A 634 -2.11 41.41 16.57
CA GLU A 634 -2.95 40.49 17.35
C GLU A 634 -3.19 41.04 18.75
N ILE A 635 -2.15 41.55 19.40
CA ILE A 635 -2.30 42.09 20.74
C ILE A 635 -3.13 43.37 20.70
N VAL A 636 -2.82 44.27 19.77
CA VAL A 636 -3.57 45.51 19.66
C VAL A 636 -5.02 45.24 19.28
N GLY A 637 -5.25 44.23 18.46
CA GLY A 637 -6.60 43.90 18.03
C GLY A 637 -7.43 43.13 19.03
N GLN A 638 -6.86 42.81 20.19
CA GLN A 638 -7.60 42.10 21.24
C GLN A 638 -8.83 42.90 21.67
N SER A 644 -9.10 35.81 16.00
CA SER A 644 -8.43 34.56 16.35
C SER A 644 -7.82 33.90 15.11
N VAL A 645 -8.07 34.49 13.94
CA VAL A 645 -7.45 33.97 12.73
C VAL A 645 -5.95 34.18 12.75
N LEU A 646 -5.50 35.31 13.32
CA LEU A 646 -4.07 35.56 13.43
C LEU A 646 -3.36 34.55 14.31
N ARG A 647 -4.08 33.91 15.24
CA ARG A 647 -3.45 32.92 16.11
C ARG A 647 -2.85 31.79 15.29
N THR A 648 -3.58 31.31 14.28
CA THR A 648 -3.06 30.26 13.42
C THR A 648 -1.85 30.72 12.61
N PHE A 649 -1.68 32.03 12.44
CA PHE A 649 -0.53 32.54 11.69
C PHE A 649 0.74 32.59 12.51
N ARG A 650 0.67 32.33 13.82
CA ARG A 650 1.87 32.33 14.64
C ARG A 650 2.83 31.20 14.26
N LEU A 651 2.35 30.17 13.57
CA LEU A 651 3.20 29.07 13.18
C LEU A 651 4.24 29.46 12.13
N LEU A 652 4.05 30.60 11.46
CA LEU A 652 5.04 31.07 10.48
C LEU A 652 6.35 31.48 11.13
N ARG A 653 6.39 31.68 12.44
CA ARG A 653 7.62 32.07 13.10
C ARG A 653 8.73 31.03 12.94
N VAL A 654 8.36 29.77 12.68
CA VAL A 654 9.39 28.74 12.49
C VAL A 654 10.20 29.02 11.25
N LEU A 655 9.62 29.72 10.27
CA LEU A 655 10.35 30.02 9.03
C LEU A 655 11.54 30.95 9.29
N LYS A 656 11.56 31.64 10.43
CA LYS A 656 12.69 32.51 10.74
C LYS A 656 13.97 31.70 10.94
N LEU A 657 13.85 30.44 11.34
CA LEU A 657 15.03 29.63 11.61
C LEU A 657 15.86 29.36 10.35
N VAL A 658 15.28 29.58 9.16
CA VAL A 658 16.00 29.32 7.92
C VAL A 658 17.26 30.18 7.83
N ARG A 659 17.24 31.37 8.44
CA ARG A 659 18.38 32.26 8.35
C ARG A 659 19.64 31.64 8.95
N PHE A 660 19.48 30.79 9.97
CA PHE A 660 20.60 30.31 10.78
C PHE A 660 20.89 28.84 10.57
N LEU A 661 20.32 28.21 9.53
CA LEU A 661 20.55 26.80 9.24
C LEU A 661 21.04 26.68 7.81
N PRO A 662 22.35 26.62 7.59
CA PRO A 662 22.84 26.58 6.20
C PRO A 662 22.57 25.26 5.51
N ALA A 663 22.71 24.14 6.20
CA ALA A 663 22.42 22.84 5.59
C ALA A 663 20.96 22.75 5.16
N LEU A 664 20.05 23.18 6.02
CA LEU A 664 18.63 23.13 5.68
C LEU A 664 18.27 24.20 4.65
N ARG A 665 18.91 25.37 4.74
CA ARG A 665 18.66 26.41 3.75
C ARG A 665 19.07 25.95 2.36
N ARG A 666 20.22 25.29 2.25
CA ARG A 666 20.63 24.74 0.96
C ARG A 666 19.66 23.67 0.48
N GLN A 667 19.23 22.79 1.39
CA GLN A 667 18.31 21.72 1.01
C GLN A 667 16.98 22.29 0.52
N LEU A 668 16.45 23.30 1.21
CA LEU A 668 15.17 23.88 0.81
C LEU A 668 15.27 24.53 -0.56
N VAL A 669 16.42 25.10 -0.90
CA VAL A 669 16.61 25.65 -2.24
C VAL A 669 16.51 24.55 -3.29
N VAL A 670 17.11 23.40 -3.01
CA VAL A 670 17.06 22.28 -3.96
C VAL A 670 15.63 21.83 -4.15
N LEU A 671 14.88 21.68 -3.05
CA LEU A 671 13.49 21.26 -3.15
C LEU A 671 12.66 22.30 -3.89
N VAL A 672 12.88 23.58 -3.60
CA VAL A 672 12.11 24.64 -4.26
C VAL A 672 12.41 24.65 -5.75
N LYS A 673 13.68 24.50 -6.12
CA LYS A 673 14.04 24.39 -7.53
C LYS A 673 13.39 23.19 -8.19
N THR A 674 13.06 22.15 -7.40
CA THR A 674 12.41 20.98 -7.96
C THR A 674 11.00 21.28 -8.45
N MET A 675 10.40 22.39 -8.00
CA MET A 675 9.04 22.70 -8.40
C MET A 675 8.97 23.18 -9.85
N ASP A 676 10.08 23.70 -10.39
CA ASP A 676 10.09 24.12 -11.79
C ASP A 676 9.91 22.93 -12.72
N ASN A 677 10.59 21.82 -12.42
CA ASN A 677 10.44 20.63 -13.25
C ASN A 677 9.13 19.91 -12.99
N VAL A 678 8.63 19.95 -11.75
CA VAL A 678 7.38 19.28 -11.42
C VAL A 678 6.17 20.11 -11.81
N ALA A 679 6.35 21.39 -12.16
CA ALA A 679 5.21 22.22 -12.50
C ALA A 679 4.48 21.69 -13.74
N THR A 680 5.24 21.29 -14.77
CA THR A 680 4.61 20.78 -15.98
C THR A 680 3.87 19.48 -15.72
N PHE A 681 4.47 18.58 -14.94
CA PHE A 681 3.82 17.32 -14.63
C PHE A 681 2.52 17.53 -13.85
N CYS A 682 2.55 18.45 -12.88
CA CYS A 682 1.35 18.70 -12.08
C CYS A 682 0.21 19.20 -12.96
N THR A 683 0.51 20.05 -13.93
CA THR A 683 -0.52 20.50 -14.86
C THR A 683 -1.10 19.34 -15.65
N LEU A 684 -0.25 18.40 -16.07
CA LEU A 684 -0.72 17.22 -16.77
C LEU A 684 -1.54 16.31 -15.86
N LEU A 685 -1.20 16.26 -14.57
CA LEU A 685 -1.96 15.43 -13.64
C LEU A 685 -3.35 15.99 -13.38
N MET A 686 -3.49 17.31 -13.26
CA MET A 686 -4.81 17.89 -13.06
C MET A 686 -5.72 17.61 -14.24
N LEU A 687 -5.19 17.66 -15.46
CA LEU A 687 -5.99 17.31 -16.62
C LEU A 687 -6.41 15.85 -16.57
N PHE A 688 -5.50 14.97 -16.16
CA PHE A 688 -5.83 13.55 -16.05
C PHE A 688 -6.91 13.31 -15.01
N ILE A 689 -6.83 14.00 -13.86
CA ILE A 689 -7.83 13.85 -12.82
C ILE A 689 -9.15 14.47 -13.25
N PHE A 690 -9.10 15.61 -13.94
CA PHE A 690 -10.33 16.26 -14.38
C PHE A 690 -11.10 15.40 -15.36
N ILE A 691 -10.40 14.79 -16.31
CA ILE A 691 -11.08 13.98 -17.33
C ILE A 691 -11.78 12.79 -16.67
N PHE A 692 -11.10 12.11 -15.76
CA PHE A 692 -11.69 10.97 -15.09
C PHE A 692 -12.75 11.37 -14.08
N SER A 693 -12.73 12.61 -13.59
CA SER A 693 -13.75 13.07 -12.65
C SER A 693 -15.08 13.27 -13.36
N ILE A 694 -15.07 13.92 -14.52
CA ILE A 694 -16.30 14.14 -15.26
C ILE A 694 -16.78 12.83 -15.89
N LEU A 695 -15.86 11.94 -16.25
CA LEU A 695 -16.26 10.63 -16.74
C LEU A 695 -17.01 9.85 -15.67
N GLY A 696 -16.53 9.92 -14.43
CA GLY A 696 -17.21 9.22 -13.35
C GLY A 696 -18.61 9.72 -13.11
N MET A 697 -18.82 11.04 -13.21
CA MET A 697 -20.16 11.58 -13.01
C MET A 697 -21.13 11.06 -14.06
N HIS A 698 -20.67 10.96 -15.31
CA HIS A 698 -21.53 10.43 -16.36
C HIS A 698 -21.92 8.99 -16.09
N LEU A 699 -20.98 8.16 -15.65
CA LEU A 699 -21.27 6.75 -15.41
C LEU A 699 -22.02 6.54 -14.10
N PHE A 700 -21.50 7.10 -13.01
CA PHE A 700 -22.03 6.87 -11.66
C PHE A 700 -22.77 8.08 -11.12
N GLY A 701 -23.53 8.77 -11.97
CA GLY A 701 -24.31 9.92 -11.53
C GLY A 701 -25.53 9.55 -10.72
N CYS A 702 -25.52 9.91 -9.43
CA CYS A 702 -26.62 9.65 -8.51
C CYS A 702 -26.98 8.18 -8.43
N LYS A 703 -26.06 7.30 -8.83
CA LYS A 703 -26.31 5.87 -8.79
C LYS A 703 -25.94 5.24 -7.45
N PHE A 704 -25.14 5.93 -6.63
CA PHE A 704 -24.68 5.39 -5.36
C PHE A 704 -25.66 5.83 -4.27
N SER A 705 -26.83 5.21 -4.28
CA SER A 705 -27.87 5.54 -3.31
C SER A 705 -27.61 4.84 -1.98
N PRO A 715 -27.23 8.99 0.56
CA PRO A 715 -26.16 8.97 -0.44
C PRO A 715 -24.79 8.70 0.17
N ASP A 716 -24.04 7.80 -0.43
CA ASP A 716 -22.70 7.46 0.08
C ASP A 716 -21.77 8.66 -0.04
N ARG A 717 -20.87 8.79 0.94
CA ARG A 717 -19.91 9.87 0.92
C ARG A 717 -18.99 9.78 -0.29
N LYS A 718 -18.62 8.57 -0.69
CA LYS A 718 -17.77 8.37 -1.87
C LYS A 718 -18.67 8.26 -3.10
N ASN A 719 -19.12 9.41 -3.59
CA ASN A 719 -20.04 9.48 -4.71
C ASN A 719 -19.48 10.39 -5.79
N PHE A 720 -20.10 10.32 -6.96
CA PHE A 720 -19.78 11.19 -8.10
C PHE A 720 -20.95 12.12 -8.39
N ASP A 721 -21.63 12.58 -7.34
CA ASP A 721 -22.83 13.40 -7.51
C ASP A 721 -22.52 14.86 -7.82
N SER A 722 -21.27 15.28 -7.70
CA SER A 722 -20.90 16.66 -7.99
C SER A 722 -19.41 16.70 -8.31
N LEU A 723 -18.98 17.82 -8.90
CA LEU A 723 -17.59 17.97 -9.29
C LEU A 723 -16.67 17.93 -8.08
N LEU A 724 -17.07 18.59 -6.99
CA LEU A 724 -16.21 18.64 -5.81
C LEU A 724 -15.93 17.25 -5.27
N TRP A 725 -16.97 16.43 -5.13
CA TRP A 725 -16.82 15.10 -4.56
C TRP A 725 -16.48 14.05 -5.61
N ALA A 726 -16.61 14.37 -6.89
CA ALA A 726 -16.06 13.50 -7.93
C ALA A 726 -14.55 13.64 -8.03
N ILE A 727 -14.03 14.84 -7.84
CA ILE A 727 -12.57 15.03 -7.84
C ILE A 727 -11.96 14.40 -6.61
N VAL A 728 -12.61 14.52 -5.46
CA VAL A 728 -12.08 13.95 -4.23
C VAL A 728 -12.09 12.43 -4.30
N THR A 729 -13.14 11.85 -4.87
CA THR A 729 -13.21 10.39 -5.00
C THR A 729 -12.18 9.86 -5.97
N VAL A 730 -11.87 10.58 -7.04
CA VAL A 730 -10.83 10.15 -7.97
C VAL A 730 -9.46 10.27 -7.34
N PHE A 731 -9.21 11.34 -6.60
CA PHE A 731 -7.96 11.48 -5.86
C PHE A 731 -7.82 10.36 -4.83
N GLN A 732 -8.91 10.04 -4.14
CA GLN A 732 -8.87 8.97 -3.14
C GLN A 732 -8.51 7.63 -3.78
N ILE A 733 -9.09 7.35 -4.95
CA ILE A 733 -8.81 6.09 -5.62
C ILE A 733 -7.34 5.99 -5.98
N LEU A 734 -6.75 7.08 -6.47
CA LEU A 734 -5.34 7.04 -6.87
C LEU A 734 -4.43 6.73 -5.69
N THR A 735 -4.77 7.19 -4.50
CA THR A 735 -4.00 6.87 -3.30
C THR A 735 -4.25 5.44 -2.82
N GLN A 736 -5.19 4.73 -3.41
CA GLN A 736 -5.49 3.34 -3.06
C GLN A 736 -5.93 3.23 -1.60
N GLU A 737 -7.01 3.93 -1.28
CA GLU A 737 -7.61 3.90 0.05
C GLU A 737 -9.10 3.67 -0.11
N ASP A 738 -9.55 2.46 0.23
CA ASP A 738 -10.95 2.07 0.08
C ASP A 738 -11.40 2.20 -1.37
N TRP A 739 -10.47 2.06 -2.31
CA TRP A 739 -10.84 2.09 -3.73
C TRP A 739 -11.69 0.89 -4.11
N ASN A 740 -11.59 -0.21 -3.38
CA ASN A 740 -12.43 -1.37 -3.66
C ASN A 740 -13.86 -1.14 -3.18
N VAL A 741 -14.06 -0.30 -2.17
CA VAL A 741 -15.41 0.04 -1.73
C VAL A 741 -16.15 0.77 -2.84
N VAL A 742 -15.47 1.69 -3.52
CA VAL A 742 -16.08 2.37 -4.65
C VAL A 742 -16.28 1.40 -5.81
N LEU A 743 -15.35 0.47 -6.00
CA LEU A 743 -15.47 -0.49 -7.09
C LEU A 743 -16.73 -1.33 -6.94
N TYR A 744 -17.02 -1.82 -5.73
CA TYR A 744 -18.20 -2.64 -5.54
C TYR A 744 -19.48 -1.83 -5.80
N ASN A 745 -19.49 -0.56 -5.39
CA ASN A 745 -20.65 0.28 -5.70
C ASN A 745 -20.81 0.46 -7.20
N GLY A 746 -19.71 0.68 -7.92
CA GLY A 746 -19.81 0.85 -9.35
C GLY A 746 -20.27 -0.41 -10.06
N MET A 747 -19.74 -1.56 -9.66
CA MET A 747 -20.12 -2.81 -10.31
C MET A 747 -21.59 -3.13 -10.09
N ALA A 748 -22.07 -2.95 -8.86
CA ALA A 748 -23.46 -3.27 -8.57
C ALA A 748 -24.42 -2.27 -9.20
N SER A 749 -24.06 -0.99 -9.18
CA SER A 749 -24.98 0.04 -9.65
C SER A 749 -25.22 -0.07 -11.15
N THR A 750 -24.15 -0.12 -11.95
CA THR A 750 -24.27 -0.12 -13.40
C THR A 750 -24.09 -1.51 -14.00
N SER A 751 -22.93 -2.12 -13.82
CA SER A 751 -22.62 -3.38 -14.45
C SER A 751 -21.25 -3.85 -13.98
N SER A 752 -21.01 -5.15 -14.07
CA SER A 752 -19.72 -5.70 -13.67
C SER A 752 -18.59 -5.24 -14.56
N TRP A 753 -18.89 -4.72 -15.75
CA TRP A 753 -17.86 -4.19 -16.65
C TRP A 753 -17.41 -2.80 -16.26
N ALA A 754 -18.03 -2.20 -15.24
CA ALA A 754 -17.57 -0.92 -14.72
C ALA A 754 -16.21 -1.01 -14.06
N ALA A 755 -15.71 -2.23 -13.80
CA ALA A 755 -14.38 -2.39 -13.25
C ALA A 755 -13.31 -1.85 -14.18
N LEU A 756 -13.60 -1.71 -15.48
CA LEU A 756 -12.62 -1.17 -16.41
C LEU A 756 -12.32 0.29 -16.12
N TYR A 757 -13.29 1.03 -15.58
CA TYR A 757 -13.05 2.42 -15.21
C TYR A 757 -11.96 2.52 -14.14
N PHE A 758 -12.01 1.65 -13.14
CA PHE A 758 -11.03 1.69 -12.07
C PHE A 758 -9.68 1.11 -12.49
N VAL A 759 -9.68 0.07 -13.34
CA VAL A 759 -8.43 -0.52 -13.79
C VAL A 759 -7.64 0.50 -14.63
N ALA A 760 -8.31 1.20 -15.54
CA ALA A 760 -7.63 2.20 -16.35
C ALA A 760 -7.18 3.39 -15.51
N LEU A 761 -8.03 3.82 -14.57
CA LEU A 761 -7.66 4.94 -13.71
C LEU A 761 -6.45 4.60 -12.85
N MET A 762 -6.42 3.40 -12.28
CA MET A 762 -5.32 3.00 -11.41
C MET A 762 -4.06 2.64 -12.20
N THR A 763 -4.22 2.19 -13.44
CA THR A 763 -3.06 1.77 -14.23
C THR A 763 -2.37 2.97 -14.87
N PHE A 764 -3.11 3.76 -15.65
CA PHE A 764 -2.54 4.95 -16.26
C PHE A 764 -2.08 5.97 -15.22
N GLY A 765 -2.67 5.95 -14.04
CA GLY A 765 -2.36 6.96 -13.03
C GLY A 765 -1.17 6.62 -12.17
N ASN A 766 -1.18 5.44 -11.55
CA ASN A 766 -0.14 5.07 -10.59
C ASN A 766 1.08 4.46 -11.26
N TYR A 767 0.88 3.55 -12.21
CA TYR A 767 1.97 2.78 -12.80
C TYR A 767 2.54 3.43 -14.06
N VAL A 768 2.00 4.56 -14.50
CA VAL A 768 2.52 5.25 -15.67
C VAL A 768 2.83 6.70 -15.32
N LEU A 769 1.83 7.43 -14.85
CA LEU A 769 2.03 8.87 -14.59
C LEU A 769 2.94 9.09 -13.40
N PHE A 770 2.70 8.38 -12.29
CA PHE A 770 3.52 8.60 -11.10
C PHE A 770 4.98 8.20 -11.36
N ASN A 771 5.18 7.08 -12.06
CA ASN A 771 6.54 6.66 -12.39
C ASN A 771 7.22 7.63 -13.36
N LEU A 772 6.44 8.45 -14.06
CA LEU A 772 7.02 9.52 -14.87
C LEU A 772 7.51 10.66 -14.00
N LEU A 773 6.82 10.95 -12.89
CA LEU A 773 7.30 11.96 -11.96
C LEU A 773 8.62 11.54 -11.33
N VAL A 774 8.74 10.26 -10.96
CA VAL A 774 10.00 9.77 -10.40
C VAL A 774 11.12 9.89 -11.41
N ALA A 775 10.86 9.56 -12.67
CA ALA A 775 11.89 9.68 -13.69
C ALA A 775 12.33 11.13 -13.88
N ILE A 776 11.39 12.07 -13.79
CA ILE A 776 11.73 13.48 -13.95
C ILE A 776 12.68 13.91 -12.86
N LEU A 777 12.41 13.51 -11.61
CA LEU A 777 13.24 13.95 -10.49
C LEU A 777 14.60 13.25 -10.51
N VAL A 778 14.61 11.95 -10.78
CA VAL A 778 15.87 11.21 -10.79
C VAL A 778 16.80 11.76 -11.86
N GLU A 779 16.27 12.02 -13.05
CA GLU A 779 17.09 12.58 -14.12
C GLU A 779 17.60 13.97 -13.75
N GLY A 780 16.75 14.79 -13.13
CA GLY A 780 17.17 16.14 -12.78
C GLY A 780 18.34 16.16 -11.81
N PHE A 781 18.29 15.32 -10.78
CA PHE A 781 19.38 15.28 -9.81
C PHE A 781 20.59 14.55 -10.39
N GLN A 782 20.36 13.50 -11.19
CA GLN A 782 21.46 12.78 -11.80
C GLN A 782 22.26 13.69 -12.74
N ALA A 783 21.58 14.56 -13.48
CA ALA A 783 22.25 15.48 -14.38
C ALA A 783 22.71 16.72 -13.64
N ARG A 1045 49.75 -17.15 29.80
CA ARG A 1045 49.82 -18.27 28.87
C ARG A 1045 48.41 -18.69 28.41
N PHE A 1046 47.46 -18.64 29.35
CA PHE A 1046 46.08 -18.97 29.00
C PHE A 1046 45.52 -17.99 27.98
N ARG A 1047 45.82 -16.70 28.13
CA ARG A 1047 45.34 -15.70 27.18
C ARG A 1047 45.72 -16.07 25.75
N VAL A 1048 46.90 -16.68 25.58
CA VAL A 1048 47.32 -17.11 24.25
C VAL A 1048 46.35 -18.16 23.71
N SER A 1049 45.93 -19.09 24.57
CA SER A 1049 44.98 -20.10 24.13
C SER A 1049 43.67 -19.47 23.69
N CYS A 1050 43.17 -18.48 24.45
CA CYS A 1050 41.95 -17.80 24.06
C CYS A 1050 42.14 -17.06 22.74
N GLN A 1051 43.29 -16.40 22.55
CA GLN A 1051 43.54 -15.69 21.31
C GLN A 1051 43.42 -16.63 20.11
N LYS A 1052 43.83 -17.88 20.29
CA LYS A 1052 43.78 -18.84 19.18
C LYS A 1052 42.35 -19.33 18.94
N VAL A 1053 41.57 -19.52 20.01
CA VAL A 1053 40.26 -20.15 19.88
C VAL A 1053 39.29 -19.23 19.16
N ILE A 1054 39.29 -17.94 19.51
CA ILE A 1054 38.37 -17.00 18.85
C ILE A 1054 38.78 -16.80 17.40
N THR A 1055 40.08 -16.78 17.12
CA THR A 1055 40.54 -16.65 15.75
C THR A 1055 40.28 -17.90 14.93
N HIS A 1056 39.87 -19.00 15.56
CA HIS A 1056 39.58 -20.22 14.82
C HIS A 1056 38.52 -19.96 13.76
N LYS A 1057 38.75 -20.51 12.57
CA LYS A 1057 37.85 -20.24 11.45
C LYS A 1057 36.41 -20.62 11.77
N MET A 1058 36.22 -21.73 12.48
CA MET A 1058 34.88 -22.25 12.74
C MET A 1058 34.27 -21.74 14.04
N PHE A 1059 34.96 -20.85 14.76
CA PHE A 1059 34.42 -20.35 16.02
C PHE A 1059 33.09 -19.63 15.81
N ASP A 1060 33.05 -18.74 14.81
CA ASP A 1060 31.81 -18.02 14.53
C ASP A 1060 30.70 -18.98 14.11
N HIS A 1061 31.02 -19.95 13.26
CA HIS A 1061 30.02 -20.92 12.83
C HIS A 1061 29.51 -21.74 14.01
N VAL A 1062 30.40 -22.12 14.93
CA VAL A 1062 29.99 -22.88 16.10
C VAL A 1062 29.04 -22.04 16.95
N VAL A 1063 29.37 -20.77 17.16
CA VAL A 1063 28.52 -19.88 17.96
C VAL A 1063 27.21 -19.61 17.21
N LEU A 1064 27.28 -19.43 15.89
CA LEU A 1064 26.08 -19.16 15.12
C LEU A 1064 25.06 -20.28 15.25
N VAL A 1065 25.52 -21.52 15.46
CA VAL A 1065 24.61 -22.63 15.66
C VAL A 1065 23.81 -22.44 16.95
N PHE A 1066 24.49 -22.02 18.02
CA PHE A 1066 23.80 -21.83 19.29
C PHE A 1066 22.77 -20.71 19.18
N ILE A 1067 23.09 -19.64 18.44
CA ILE A 1067 22.15 -18.54 18.30
C ILE A 1067 20.87 -19.00 17.64
N PHE A 1068 20.98 -19.80 16.59
CA PHE A 1068 19.79 -20.31 15.92
C PHE A 1068 18.94 -21.15 16.85
N LEU A 1069 19.58 -22.01 17.65
CA LEU A 1069 18.83 -22.81 18.61
C LEU A 1069 18.17 -21.93 19.65
N ASN A 1070 18.75 -20.77 19.95
CA ASN A 1070 18.12 -19.82 20.86
C ASN A 1070 16.96 -19.09 20.20
N CYS A 1071 16.91 -19.06 18.87
CA CYS A 1071 15.77 -18.46 18.18
C CYS A 1071 14.56 -19.40 18.22
N VAL A 1072 14.79 -20.71 18.15
CA VAL A 1072 13.70 -21.66 18.25
C VAL A 1072 13.03 -21.55 19.63
N THR A 1073 13.84 -21.40 20.67
CA THR A 1073 13.29 -21.27 22.01
C THR A 1073 12.43 -20.01 22.14
N ILE A 1074 12.87 -18.91 21.53
CA ILE A 1074 12.07 -17.69 21.55
C ILE A 1074 10.76 -17.88 20.81
N ALA A 1075 10.78 -18.66 19.74
CA ALA A 1075 9.60 -18.84 18.89
C ALA A 1075 8.61 -19.85 19.45
N LEU A 1076 8.97 -20.61 20.49
CA LEU A 1076 8.04 -21.52 21.14
C LEU A 1076 7.25 -20.87 22.27
N GLU A 1077 7.61 -19.65 22.65
CA GLU A 1077 6.91 -18.98 23.75
C GLU A 1077 5.57 -18.45 23.28
N ARG A 1078 4.55 -18.64 24.10
CA ARG A 1078 3.22 -18.13 23.83
C ARG A 1078 2.45 -18.05 25.14
N PRO A 1079 1.40 -17.23 25.20
CA PRO A 1079 0.68 -17.05 26.48
C PRO A 1079 0.04 -18.33 27.00
N ASP A 1080 -0.42 -19.23 26.13
CA ASP A 1080 -1.24 -20.36 26.54
C ASP A 1080 -0.43 -21.54 27.06
N ILE A 1081 0.84 -21.34 27.41
CA ILE A 1081 1.66 -22.43 27.94
C ILE A 1081 1.31 -22.62 29.41
N ASP A 1082 0.97 -23.86 29.78
CA ASP A 1082 0.63 -24.16 31.15
C ASP A 1082 1.90 -24.17 32.01
N PRO A 1083 1.96 -23.39 33.10
CA PRO A 1083 3.19 -23.38 33.90
C PRO A 1083 3.61 -24.75 34.40
N GLY A 1084 2.65 -25.62 34.72
CA GLY A 1084 2.96 -26.95 35.21
C GLY A 1084 3.31 -27.95 34.15
N SER A 1085 3.25 -27.58 32.87
CA SER A 1085 3.54 -28.51 31.80
C SER A 1085 5.05 -28.71 31.65
N THR A 1086 5.40 -29.79 30.94
CA THR A 1086 6.82 -30.06 30.69
C THR A 1086 7.43 -29.04 29.74
N GLU A 1087 6.61 -28.40 28.91
CA GLU A 1087 7.13 -27.40 27.98
C GLU A 1087 7.71 -26.21 28.72
N ARG A 1088 7.04 -25.75 29.78
CA ARG A 1088 7.51 -24.58 30.51
C ARG A 1088 8.89 -24.84 31.13
N VAL A 1089 9.06 -26.01 31.75
CA VAL A 1089 10.34 -26.31 32.38
C VAL A 1089 11.42 -26.47 31.32
N PHE A 1090 11.08 -27.04 30.17
CA PHE A 1090 12.04 -27.17 29.09
C PHE A 1090 12.50 -25.80 28.61
N LEU A 1091 11.56 -24.87 28.45
CA LEU A 1091 11.92 -23.50 28.07
C LEU A 1091 12.71 -22.83 29.18
N SER A 1092 12.32 -23.06 30.44
CA SER A 1092 13.01 -22.42 31.56
C SER A 1092 14.45 -22.89 31.64
N VAL A 1093 14.70 -24.19 31.48
CA VAL A 1093 16.06 -24.71 31.61
C VAL A 1093 16.91 -24.24 30.43
N SER A 1094 16.35 -24.26 29.22
CA SER A 1094 17.11 -23.89 28.04
C SER A 1094 17.64 -22.47 28.15
N ASN A 1095 16.88 -21.58 28.81
CA ASN A 1095 17.34 -20.21 28.99
C ASN A 1095 18.60 -20.15 29.83
N TYR A 1096 18.66 -20.95 30.90
CA TYR A 1096 19.84 -20.94 31.77
C TYR A 1096 21.07 -21.41 31.02
N ILE A 1097 20.95 -22.48 30.22
CA ILE A 1097 22.10 -22.94 29.45
C ILE A 1097 22.59 -21.85 28.50
N PHE A 1098 21.67 -21.27 27.73
CA PHE A 1098 22.07 -20.30 26.72
C PHE A 1098 22.68 -19.06 27.36
N THR A 1099 22.16 -18.66 28.52
CA THR A 1099 22.79 -17.55 29.24
C THR A 1099 24.22 -17.89 29.63
N ALA A 1100 24.45 -19.12 30.10
CA ALA A 1100 25.80 -19.54 30.45
C ALA A 1100 26.70 -19.63 29.23
N ILE A 1101 26.18 -20.16 28.11
CA ILE A 1101 26.98 -20.30 26.91
C ILE A 1101 27.45 -18.93 26.41
N PHE A 1102 26.54 -17.95 26.39
CA PHE A 1102 26.90 -16.64 25.87
C PHE A 1102 27.70 -15.82 26.87
N VAL A 1103 27.62 -16.14 28.16
CA VAL A 1103 28.52 -15.51 29.12
C VAL A 1103 29.94 -16.01 28.94
N ALA A 1104 30.10 -17.33 28.76
CA ALA A 1104 31.43 -17.88 28.55
C ALA A 1104 32.06 -17.35 27.27
N GLU A 1105 31.27 -17.26 26.20
CA GLU A 1105 31.79 -16.72 24.95
C GLU A 1105 32.26 -15.28 25.14
N MET A 1106 31.47 -14.48 25.86
CA MET A 1106 31.90 -13.12 26.18
C MET A 1106 33.14 -13.13 27.06
N MET A 1107 33.17 -14.01 28.07
CA MET A 1107 34.30 -14.04 28.99
C MET A 1107 35.58 -14.40 28.28
N VAL A 1108 35.53 -15.38 27.37
CA VAL A 1108 36.74 -15.78 26.65
C VAL A 1108 37.24 -14.66 25.77
N LYS A 1109 36.32 -13.91 25.15
CA LYS A 1109 36.73 -12.84 24.24
C LYS A 1109 37.39 -11.69 24.99
N VAL A 1110 36.84 -11.30 26.13
CA VAL A 1110 37.40 -10.18 26.88
C VAL A 1110 38.80 -10.51 27.38
N VAL A 1111 39.01 -11.76 27.81
CA VAL A 1111 40.33 -12.17 28.28
C VAL A 1111 41.35 -12.06 27.16
N ALA A 1112 40.97 -12.48 25.94
CA ALA A 1112 41.91 -12.48 24.83
C ALA A 1112 42.18 -11.07 24.31
N LEU A 1113 41.25 -10.15 24.50
CA LEU A 1113 41.36 -8.81 23.93
C LEU A 1113 41.37 -7.69 24.95
N GLY A 1114 40.90 -7.92 26.17
CA GLY A 1114 40.80 -6.85 27.15
C GLY A 1114 39.51 -6.07 27.02
N LEU A 1115 38.96 -5.62 28.15
CA LEU A 1115 37.66 -4.96 28.13
C LEU A 1115 37.71 -3.67 27.33
N LEU A 1116 38.44 -2.67 27.81
CA LEU A 1116 38.53 -1.39 27.11
C LEU A 1116 39.93 -0.80 27.05
N SER A 1117 40.86 -1.22 27.92
CA SER A 1117 42.15 -0.53 28.01
C SER A 1117 42.91 -0.58 26.70
N GLY A 1118 42.98 -1.76 26.08
CA GLY A 1118 43.78 -1.92 24.88
C GLY A 1118 43.20 -1.19 23.69
N GLU A 1119 44.07 -0.91 22.71
CA GLU A 1119 43.62 -0.28 21.48
C GLU A 1119 42.65 -1.19 20.73
N HIS A 1120 42.92 -2.49 20.71
CA HIS A 1120 42.05 -3.48 20.09
C HIS A 1120 41.13 -4.15 21.11
N ALA A 1121 40.73 -3.41 22.14
CA ALA A 1121 39.93 -3.98 23.22
C ALA A 1121 38.61 -4.52 22.68
N TYR A 1122 37.92 -5.28 23.52
CA TYR A 1122 36.67 -5.91 23.12
C TYR A 1122 35.61 -4.87 22.79
N LEU A 1123 35.47 -3.84 23.63
CA LEU A 1123 34.42 -2.85 23.47
C LEU A 1123 34.82 -1.71 22.53
N GLN A 1124 35.83 -1.91 21.69
CA GLN A 1124 36.24 -0.91 20.73
C GLN A 1124 35.39 -0.91 19.46
N SER A 1125 34.51 -1.90 19.29
CA SER A 1125 33.63 -1.99 18.15
C SER A 1125 32.18 -1.99 18.60
N SER A 1126 31.31 -1.38 17.80
CA SER A 1126 29.90 -1.30 18.17
C SER A 1126 29.27 -2.69 18.27
N TRP A 1127 29.62 -3.59 17.35
CA TRP A 1127 29.02 -4.92 17.36
C TRP A 1127 29.35 -5.65 18.65
N ASN A 1128 30.59 -5.56 19.11
CA ASN A 1128 30.96 -6.18 20.38
C ASN A 1128 30.19 -5.53 21.53
N LEU A 1129 30.02 -4.21 21.48
CA LEU A 1129 29.25 -3.53 22.53
C LEU A 1129 27.81 -4.02 22.54
N LEU A 1130 27.21 -4.19 21.37
CA LEU A 1130 25.83 -4.66 21.30
C LEU A 1130 25.65 -5.96 22.08
N ASP A 1131 26.59 -6.90 21.89
CA ASP A 1131 26.53 -8.15 22.65
C ASP A 1131 26.63 -7.89 24.14
N GLY A 1132 27.51 -6.99 24.56
CA GLY A 1132 27.70 -6.76 25.98
C GLY A 1132 26.41 -6.39 26.69
N LEU A 1133 25.60 -5.53 26.06
CA LEU A 1133 24.31 -5.18 26.66
C LEU A 1133 23.42 -6.41 26.77
N LEU A 1134 23.39 -7.24 25.73
CA LEU A 1134 22.52 -8.41 25.75
C LEU A 1134 22.91 -9.38 26.87
N VAL A 1135 24.21 -9.62 27.05
CA VAL A 1135 24.64 -10.49 28.14
C VAL A 1135 24.37 -9.83 29.48
N LEU A 1136 24.56 -8.51 29.57
CA LEU A 1136 24.31 -7.81 30.83
C LEU A 1136 22.84 -7.95 31.23
N VAL A 1137 21.92 -7.79 30.28
CA VAL A 1137 20.50 -7.87 30.59
C VAL A 1137 20.14 -9.29 31.03
N SER A 1138 20.75 -10.30 30.41
CA SER A 1138 20.46 -11.68 30.79
C SER A 1138 20.84 -11.95 32.23
N LEU A 1139 22.00 -11.44 32.67
CA LEU A 1139 22.39 -11.62 34.06
C LEU A 1139 21.42 -10.93 35.01
N VAL A 1140 20.98 -9.72 34.67
CA VAL A 1140 20.01 -9.01 35.51
C VAL A 1140 18.72 -9.81 35.60
N ASP A 1141 18.31 -10.43 34.49
CA ASP A 1141 17.10 -11.24 34.50
C ASP A 1141 17.23 -12.39 35.49
N ILE A 1142 18.40 -13.03 35.52
CA ILE A 1142 18.62 -14.13 36.45
C ILE A 1142 18.49 -13.65 37.89
N VAL A 1143 19.08 -12.50 38.20
CA VAL A 1143 19.03 -11.97 39.56
C VAL A 1143 17.59 -11.71 39.98
N VAL A 1144 16.82 -11.07 39.11
CA VAL A 1144 15.43 -10.79 39.43
C VAL A 1144 14.65 -12.09 39.58
N ALA A 1145 14.89 -13.05 38.69
CA ALA A 1145 14.23 -14.35 38.80
C ALA A 1145 14.57 -15.02 40.13
N MET A 1146 15.81 -14.87 40.58
CA MET A 1146 16.19 -15.43 41.87
C MET A 1146 15.37 -14.82 43.00
N ALA A 1147 15.14 -13.51 42.95
CA ALA A 1147 14.34 -12.83 43.95
C ALA A 1147 12.86 -13.10 43.74
N GLY A 1151 9.48 -13.77 44.80
CA GLY A 1151 9.05 -13.58 46.15
C GLY A 1151 9.16 -12.13 46.61
N ALA A 1152 8.94 -11.21 45.67
CA ALA A 1152 9.02 -9.79 45.96
C ALA A 1152 8.21 -9.03 44.92
N LYS A 1153 7.91 -7.76 45.24
CA LYS A 1153 7.16 -6.89 44.34
C LYS A 1153 8.12 -6.42 43.24
N ILE A 1154 8.38 -7.33 42.30
CA ILE A 1154 9.27 -7.04 41.18
C ILE A 1154 8.60 -7.45 39.88
N LEU A 1155 7.27 -7.55 39.90
CA LEU A 1155 6.54 -7.98 38.71
C LEU A 1155 6.70 -6.99 37.57
N GLY A 1156 6.64 -5.69 37.88
CA GLY A 1156 6.79 -4.70 36.83
C GLY A 1156 8.15 -4.78 36.15
N VAL A 1157 9.21 -4.96 36.94
CA VAL A 1157 10.54 -5.09 36.36
C VAL A 1157 10.62 -6.33 35.49
N LEU A 1158 10.06 -7.45 35.94
CA LEU A 1158 10.10 -8.68 35.17
C LEU A 1158 9.50 -8.49 33.78
N ARG A 1159 8.41 -7.73 33.68
CA ARG A 1159 7.76 -7.55 32.39
C ARG A 1159 8.68 -6.83 31.42
N VAL A 1160 9.40 -5.81 31.88
CA VAL A 1160 10.28 -5.05 30.99
C VAL A 1160 11.41 -5.95 30.49
N LEU A 1161 12.00 -6.75 31.38
CA LEU A 1161 13.08 -7.63 30.97
C LEU A 1161 12.61 -8.64 29.93
N ARG A 1162 11.35 -9.08 30.03
CA ARG A 1162 10.82 -10.01 29.03
C ARG A 1162 10.72 -9.35 27.66
N LEU A 1163 10.50 -8.04 27.61
CA LEU A 1163 10.45 -7.35 26.33
C LEU A 1163 11.83 -7.21 25.72
N LEU A 1164 12.84 -6.90 26.54
CA LEU A 1164 14.19 -6.74 26.03
C LEU A 1164 14.83 -8.08 25.66
N ARG A 1165 14.27 -9.20 26.13
CA ARG A 1165 14.82 -10.51 25.81
C ARG A 1165 14.45 -10.97 24.41
N THR A 1166 13.64 -10.20 23.69
CA THR A 1166 13.29 -10.52 22.31
C THR A 1166 14.27 -9.95 21.30
N LEU A 1167 15.25 -9.15 21.76
CA LEU A 1167 16.26 -8.58 20.88
C LEU A 1167 17.48 -9.49 20.74
N ARG A 1168 17.47 -10.66 21.37
CA ARG A 1168 18.59 -11.58 21.25
C ARG A 1168 18.92 -11.94 19.80
N PRO A 1169 17.96 -12.18 18.91
CA PRO A 1169 18.31 -12.53 17.52
C PRO A 1169 19.17 -11.48 16.82
N LEU A 1170 19.34 -10.29 17.39
CA LEU A 1170 20.18 -9.28 16.76
C LEU A 1170 21.64 -9.71 16.69
N ARG A 1171 22.03 -10.72 17.47
CA ARG A 1171 23.41 -11.20 17.44
C ARG A 1171 23.75 -11.94 16.16
N VAL A 1172 22.76 -12.25 15.32
CA VAL A 1172 23.02 -12.96 14.08
C VAL A 1172 23.77 -12.07 13.09
N ILE A 1173 23.54 -10.76 13.14
CA ILE A 1173 24.09 -9.87 12.11
C ILE A 1173 25.62 -9.92 12.14
N SER A 1174 26.21 -9.80 13.33
CA SER A 1174 27.66 -9.78 13.42
C SER A 1174 28.29 -11.09 12.97
N ARG A 1175 27.61 -12.22 13.15
CA ARG A 1175 28.16 -13.52 12.79
C ARG A 1175 28.06 -13.83 11.31
N ALA A 1176 27.21 -13.12 10.56
CA ALA A 1176 27.05 -13.36 9.14
C ALA A 1176 27.71 -12.22 8.37
N PRO A 1177 28.82 -12.44 7.67
CA PRO A 1177 29.46 -11.32 6.97
C PRO A 1177 28.55 -10.63 5.97
N GLY A 1178 27.70 -11.38 5.27
CA GLY A 1178 26.82 -10.75 4.30
C GLY A 1178 25.81 -9.83 4.94
N LEU A 1179 25.20 -10.26 6.05
CA LEU A 1179 24.22 -9.41 6.74
C LEU A 1179 24.89 -8.19 7.34
N LYS A 1180 26.11 -8.34 7.86
CA LYS A 1180 26.80 -7.19 8.45
C LYS A 1180 27.03 -6.11 7.41
N LEU A 1181 27.37 -6.49 6.18
CA LEU A 1181 27.67 -5.51 5.15
C LEU A 1181 26.42 -4.76 4.70
N VAL A 1182 25.31 -5.48 4.51
CA VAL A 1182 24.10 -4.82 4.03
C VAL A 1182 23.56 -3.86 5.08
N VAL A 1183 23.64 -4.23 6.36
CA VAL A 1183 23.17 -3.34 7.41
C VAL A 1183 24.00 -2.08 7.45
N GLU A 1184 25.32 -2.21 7.33
CA GLU A 1184 26.18 -1.03 7.31
C GLU A 1184 25.90 -0.15 6.10
N THR A 1185 25.43 -0.75 5.00
CA THR A 1185 25.10 0.03 3.82
C THR A 1185 23.81 0.82 4.01
N LEU A 1186 22.82 0.22 4.66
CA LEU A 1186 21.55 0.91 4.89
C LEU A 1186 21.75 2.13 5.77
N ILE A 1187 22.59 2.02 6.81
CA ILE A 1187 22.85 3.17 7.67
C ILE A 1187 23.53 4.27 6.88
N SER A 1188 24.48 3.92 6.01
CA SER A 1188 25.15 4.92 5.19
C SER A 1188 24.17 5.63 4.26
N SER A 1189 23.22 4.90 3.69
CA SER A 1189 22.25 5.51 2.79
C SER A 1189 21.43 6.58 3.46
N LEU A 1190 21.30 6.54 4.79
CA LEU A 1190 20.51 7.53 5.50
C LEU A 1190 21.17 8.90 5.53
N ARG A 1191 22.51 8.94 5.45
CA ARG A 1191 23.21 10.22 5.55
C ARG A 1191 22.83 11.21 4.46
N PRO A 1192 22.83 10.85 3.18
CA PRO A 1192 22.51 11.86 2.15
C PRO A 1192 21.13 12.48 2.32
N ILE A 1193 20.15 11.71 2.78
CA ILE A 1193 18.79 12.22 2.95
C ILE A 1193 18.53 12.67 4.38
N GLY A 1194 19.60 12.88 5.16
CA GLY A 1194 19.40 13.29 6.55
C GLY A 1194 18.68 14.62 6.68
N ASN A 1195 18.95 15.55 5.76
CA ASN A 1195 18.33 16.86 5.85
C ASN A 1195 16.85 16.81 5.48
N ILE A 1196 16.50 15.98 4.50
CA ILE A 1196 15.10 15.87 4.10
C ILE A 1196 14.27 15.32 5.26
N VAL A 1197 14.79 14.32 5.97
CA VAL A 1197 14.08 13.76 7.11
C VAL A 1197 13.87 14.82 8.18
N LEU A 1198 14.89 15.64 8.43
CA LEU A 1198 14.75 16.71 9.43
C LEU A 1198 13.68 17.71 9.00
N ILE A 1199 13.63 18.04 7.71
CA ILE A 1199 12.57 18.93 7.22
C ILE A 1199 11.22 18.23 7.30
N CYS A 1200 11.17 16.94 6.98
CA CYS A 1200 9.92 16.20 7.10
C CYS A 1200 9.45 16.14 8.54
N CYS A 1201 10.36 15.91 9.48
CA CYS A 1201 9.99 15.91 10.90
C CYS A 1201 9.50 17.28 11.36
N ALA A 1202 10.04 18.36 10.81
CA ALA A 1202 9.56 19.69 11.16
C ALA A 1202 8.16 19.95 10.63
N PHE A 1203 7.83 19.40 9.44
CA PHE A 1203 6.49 19.58 8.91
C PHE A 1203 5.45 18.86 9.76
N PHE A 1204 5.78 17.67 10.27
CA PHE A 1204 4.84 16.94 11.10
C PHE A 1204 4.45 17.75 12.33
N ILE A 1205 5.42 18.43 12.95
CA ILE A 1205 5.15 19.22 14.14
C ILE A 1205 4.32 20.45 13.79
N ILE A 1206 4.65 21.12 12.68
CA ILE A 1206 3.93 22.33 12.31
C ILE A 1206 2.46 22.02 12.03
N PHE A 1207 2.22 20.95 11.26
CA PHE A 1207 0.84 20.55 10.98
C PHE A 1207 0.20 19.85 12.18
N GLY A 1208 1.00 19.21 13.02
CA GLY A 1208 0.46 18.64 14.24
C GLY A 1208 -0.07 19.71 15.19
N ILE A 1209 0.70 20.79 15.36
CA ILE A 1209 0.25 21.89 16.21
C ILE A 1209 -0.93 22.61 15.57
N LEU A 1210 -0.92 22.74 14.24
CA LEU A 1210 -2.04 23.36 13.56
C LEU A 1210 -3.31 22.54 13.75
N GLY A 1211 -3.20 21.21 13.64
CA GLY A 1211 -4.37 20.36 13.79
C GLY A 1211 -4.95 20.43 15.19
N VAL A 1212 -4.09 20.51 16.21
CA VAL A 1212 -4.57 20.58 17.58
C VAL A 1212 -5.44 21.82 17.78
N GLN A 1213 -5.00 22.96 17.24
CA GLN A 1213 -5.77 24.18 17.39
C GLN A 1213 -7.15 24.03 16.74
N LEU A 1214 -7.20 23.42 15.56
CA LEU A 1214 -8.46 23.30 14.83
C LEU A 1214 -9.38 22.26 15.45
N PHE A 1215 -8.86 21.08 15.79
CA PHE A 1215 -9.68 19.89 16.01
C PHE A 1215 -9.66 19.38 17.45
N LYS A 1216 -9.03 20.10 18.38
CA LYS A 1216 -8.95 19.61 19.75
C LYS A 1216 -10.32 19.69 20.40
N GLY A 1217 -10.78 18.58 20.97
CA GLY A 1217 -12.05 18.53 21.65
C GLY A 1217 -13.26 18.34 20.77
N LYS A 1218 -13.07 18.18 19.46
CA LYS A 1218 -14.17 18.07 18.51
C LYS A 1218 -14.30 16.67 17.90
N PHE A 1219 -13.51 15.71 18.37
CA PHE A 1219 -13.53 14.35 17.82
C PHE A 1219 -14.29 13.37 18.70
N TYR A 1220 -15.29 13.86 19.42
CA TYR A 1220 -16.18 13.01 20.20
C TYR A 1220 -17.48 12.76 19.44
N TYR A 1221 -18.12 11.64 19.74
CA TYR A 1221 -19.37 11.31 19.07
C TYR A 1221 -20.22 10.43 19.98
N CYS A 1222 -21.51 10.41 19.71
CA CYS A 1222 -22.47 9.60 20.48
C CYS A 1222 -22.65 8.26 19.78
N GLU A 1223 -22.43 7.18 20.51
CA GLU A 1223 -22.51 5.83 19.97
C GLU A 1223 -23.82 5.19 20.42
N GLY A 1224 -24.67 4.86 19.44
CA GLY A 1224 -25.95 4.24 19.72
C GLY A 1224 -26.64 3.77 18.46
N PRO A 1225 -27.64 2.90 18.62
CA PRO A 1225 -28.34 2.38 17.42
C PRO A 1225 -29.00 3.47 16.59
N ASP A 1226 -29.55 4.51 17.22
CA ASP A 1226 -30.24 5.57 16.50
C ASP A 1226 -29.90 6.90 17.16
N THR A 1227 -29.16 7.74 16.45
CA THR A 1227 -28.72 9.01 16.99
C THR A 1227 -29.12 10.19 16.10
N ARG A 1228 -30.23 10.05 15.37
CA ARG A 1228 -30.69 11.14 14.52
C ARG A 1228 -31.22 12.32 15.32
N ASN A 1229 -31.55 12.12 16.61
CA ASN A 1229 -32.04 13.19 17.46
C ASN A 1229 -30.95 13.77 18.35
N ILE A 1230 -29.83 13.08 18.49
CA ILE A 1230 -28.77 13.53 19.39
C ILE A 1230 -28.02 14.69 18.74
N SER A 1231 -27.79 15.75 19.53
CA SER A 1231 -27.07 16.92 19.06
C SER A 1231 -25.96 17.39 19.98
N THR A 1232 -25.99 17.02 21.26
CA THR A 1232 -24.97 17.44 22.23
C THR A 1232 -24.66 16.28 23.15
N LYS A 1233 -23.65 16.48 24.01
CA LYS A 1233 -23.30 15.44 24.97
C LYS A 1233 -24.45 15.17 25.95
N ALA A 1234 -25.10 16.23 26.42
CA ALA A 1234 -26.18 16.06 27.39
C ALA A 1234 -27.30 15.19 26.82
N GLN A 1235 -27.67 15.42 25.56
CA GLN A 1235 -28.70 14.59 24.95
C GLN A 1235 -28.24 13.15 24.80
N CYS A 1236 -26.95 12.94 24.52
CA CYS A 1236 -26.43 11.57 24.43
C CYS A 1236 -26.61 10.84 25.75
N ARG A 1237 -26.31 11.50 26.87
CA ARG A 1237 -26.47 10.88 28.17
C ARG A 1237 -27.94 10.68 28.51
N ALA A 1238 -28.79 11.64 28.14
CA ALA A 1238 -30.23 11.50 28.40
C ALA A 1238 -30.80 10.30 27.68
N ALA A 1239 -30.35 10.06 26.45
CA ALA A 1239 -30.80 8.91 25.68
C ALA A 1239 -30.15 7.60 26.14
N HIS A 1240 -29.37 7.63 27.22
CA HIS A 1240 -28.74 6.44 27.77
C HIS A 1240 -27.75 5.80 26.80
N TYR A 1241 -27.14 6.62 25.95
CA TYR A 1241 -26.10 6.17 25.04
C TYR A 1241 -24.73 6.51 25.62
N ARG A 1242 -23.69 6.26 24.82
CA ARG A 1242 -22.31 6.46 25.26
C ARG A 1242 -21.65 7.56 24.45
N TRP A 1243 -20.91 8.43 25.14
CA TRP A 1243 -20.17 9.52 24.52
C TRP A 1243 -18.70 9.11 24.49
N VAL A 1244 -18.20 8.77 23.30
CA VAL A 1244 -16.89 8.15 23.16
C VAL A 1244 -16.02 9.00 22.23
N ARG A 1245 -14.71 8.83 22.31
CA ARG A 1245 -13.75 9.61 21.56
C ARG A 1245 -13.08 8.75 20.49
N ARG A 1246 -12.82 9.37 19.34
CA ARG A 1246 -12.13 8.67 18.25
C ARG A 1246 -10.74 8.26 18.68
N LYS A 1247 -10.28 7.11 18.18
CA LYS A 1247 -8.95 6.63 18.52
C LYS A 1247 -7.88 7.56 17.98
N TYR A 1248 -8.05 8.06 16.76
CA TYR A 1248 -7.10 8.97 16.13
C TYR A 1248 -7.73 10.37 16.17
N ASN A 1249 -7.21 11.22 17.05
CA ASN A 1249 -7.75 12.56 17.23
C ASN A 1249 -6.62 13.58 17.33
N PHE A 1250 -6.98 14.83 17.62
CA PHE A 1250 -6.01 15.92 17.74
C PHE A 1250 -6.15 16.60 19.10
N ASP A 1251 -6.31 15.80 20.16
CA ASP A 1251 -6.48 16.38 21.49
C ASP A 1251 -5.21 17.10 21.95
N ASN A 1252 -4.05 16.53 21.65
CA ASN A 1252 -2.78 17.16 21.98
C ASN A 1252 -1.77 16.79 20.90
N LEU A 1253 -0.58 17.38 21.01
CA LEU A 1253 0.44 17.13 19.99
C LEU A 1253 0.85 15.67 19.94
N GLY A 1254 0.75 14.96 21.06
CA GLY A 1254 1.01 13.54 21.03
C GLY A 1254 -0.02 12.79 20.20
N GLN A 1255 -1.30 13.09 20.41
CA GLN A 1255 -2.35 12.47 19.62
C GLN A 1255 -2.34 12.95 18.18
N ALA A 1256 -1.95 14.20 17.95
CA ALA A 1256 -1.94 14.74 16.60
C ALA A 1256 -0.86 14.07 15.74
N LEU A 1257 0.30 13.78 16.33
CA LEU A 1257 1.37 13.14 15.57
C LEU A 1257 0.98 11.72 15.18
N MET A 1258 0.28 11.00 16.05
CA MET A 1258 -0.14 9.65 15.72
C MET A 1258 -1.15 9.66 14.57
N SER A 1259 -2.03 10.66 14.53
CA SER A 1259 -2.99 10.77 13.44
C SER A 1259 -2.31 11.17 12.15
N LEU A 1260 -1.36 12.10 12.21
CA LEU A 1260 -0.68 12.53 11.00
C LEU A 1260 0.15 11.41 10.38
N PHE A 1261 0.75 10.57 11.21
CA PHE A 1261 1.49 9.42 10.68
C PHE A 1261 0.56 8.46 9.96
N VAL A 1262 -0.63 8.22 10.50
CA VAL A 1262 -1.61 7.37 9.84
C VAL A 1262 -2.07 8.02 8.54
N LEU A 1263 -2.22 9.34 8.54
CA LEU A 1263 -2.54 10.05 7.30
C LEU A 1263 -1.43 9.88 6.27
N SER A 1264 -0.17 10.04 6.70
CA SER A 1264 0.95 9.94 5.78
C SER A 1264 1.07 8.54 5.20
N SER A 1265 0.83 7.52 6.03
CA SER A 1265 0.90 6.15 5.55
C SER A 1265 -0.19 5.84 4.54
N LYS A 1266 -1.19 6.70 4.42
CA LYS A 1266 -2.27 6.55 3.44
C LYS A 1266 -3.11 5.31 3.71
N ASP A 1267 -3.11 4.83 4.95
CA ASP A 1267 -3.99 3.75 5.38
C ASP A 1267 -4.95 4.32 6.41
N GLY A 1268 -6.23 4.29 6.10
CA GLY A 1268 -7.22 4.89 6.97
C GLY A 1268 -7.19 6.40 6.98
N TRP A 1269 -6.63 7.03 5.96
CA TRP A 1269 -6.53 8.48 5.92
C TRP A 1269 -7.87 9.14 5.59
N VAL A 1270 -8.76 8.43 4.90
CA VAL A 1270 -10.05 9.01 4.54
C VAL A 1270 -10.92 9.19 5.77
N ASN A 1271 -10.93 8.18 6.66
CA ASN A 1271 -11.76 8.26 7.85
C ASN A 1271 -11.35 9.42 8.75
N ILE A 1272 -10.05 9.65 8.90
CA ILE A 1272 -9.60 10.79 9.69
C ILE A 1272 -10.06 12.10 9.06
N MET A 1273 -10.06 12.17 7.72
CA MET A 1273 -10.57 13.36 7.05
C MET A 1273 -12.04 13.56 7.34
N TYR A 1274 -12.82 12.47 7.35
CA TYR A 1274 -14.25 12.59 7.61
C TYR A 1274 -14.52 13.19 8.98
N ASP A 1275 -13.72 12.80 9.98
CA ASP A 1275 -13.88 13.39 11.30
C ASP A 1275 -13.61 14.89 11.28
N GLY A 1276 -12.58 15.30 10.53
CA GLY A 1276 -12.28 16.73 10.45
C GLY A 1276 -13.39 17.51 9.78
N LEU A 1277 -13.97 16.96 8.71
CA LEU A 1277 -15.06 17.65 8.03
C LEU A 1277 -16.29 17.76 8.93
N ASP A 1278 -16.60 16.71 9.67
CA ASP A 1278 -17.81 16.68 10.48
C ASP A 1278 -17.67 17.37 11.83
N ALA A 1279 -16.45 17.72 12.24
CA ALA A 1279 -16.26 18.34 13.55
C ALA A 1279 -17.09 19.61 13.66
N VAL A 1280 -17.85 19.72 14.74
CA VAL A 1280 -18.72 20.87 14.98
C VAL A 1280 -18.19 21.72 16.14
N GLY A 1281 -17.94 21.11 17.29
CA GLY A 1281 -17.48 21.85 18.43
C GLY A 1281 -17.30 20.93 19.62
N VAL A 1282 -17.02 21.55 20.76
CA VAL A 1282 -16.83 20.80 22.00
C VAL A 1282 -18.19 20.39 22.55
N ASP A 1283 -18.35 19.11 22.86
CA ASP A 1283 -19.60 18.56 23.38
C ASP A 1283 -20.73 18.71 22.36
N GLN A 1284 -20.39 18.63 21.08
CA GLN A 1284 -21.35 18.75 20.00
C GLN A 1284 -21.24 17.53 19.09
N GLN A 1285 -22.38 17.04 18.64
CA GLN A 1285 -22.40 15.87 17.77
C GLN A 1285 -21.92 16.25 16.37
N PRO A 1286 -20.93 15.54 15.80
CA PRO A 1286 -20.48 15.89 14.45
C PRO A 1286 -21.60 15.75 13.43
N VAL A 1287 -21.59 16.64 12.44
CA VAL A 1287 -22.58 16.68 11.37
C VAL A 1287 -21.87 16.42 10.07
N GLN A 1288 -22.42 15.53 9.24
CA GLN A 1288 -21.76 15.13 8.01
C GLN A 1288 -21.47 16.33 7.12
N ASN A 1289 -20.24 16.40 6.61
CA ASN A 1289 -19.81 17.46 5.70
C ASN A 1289 -20.14 18.83 6.27
N HIS A 1290 -19.88 19.01 7.57
CA HIS A 1290 -20.17 20.28 8.21
C HIS A 1290 -19.30 21.40 7.64
N ASN A 1291 -18.00 21.13 7.45
CA ASN A 1291 -17.05 22.13 6.99
C ASN A 1291 -16.24 21.55 5.84
N PRO A 1292 -16.73 21.64 4.60
CA PRO A 1292 -15.97 21.10 3.47
C PRO A 1292 -14.64 21.79 3.24
N TRP A 1293 -14.43 22.99 3.80
CA TRP A 1293 -13.17 23.69 3.60
C TRP A 1293 -11.99 23.01 4.27
N MET A 1294 -12.23 22.02 5.13
CA MET A 1294 -11.14 21.31 5.79
C MET A 1294 -10.47 20.29 4.88
N LEU A 1295 -10.95 20.11 3.65
CA LEU A 1295 -10.25 19.26 2.71
C LEU A 1295 -8.83 19.76 2.46
N LEU A 1296 -8.62 21.08 2.58
CA LEU A 1296 -7.29 21.63 2.32
C LEU A 1296 -6.29 21.15 3.35
N TYR A 1297 -6.70 21.05 4.62
CA TYR A 1297 -5.76 20.62 5.66
C TYR A 1297 -5.27 19.20 5.41
N PHE A 1298 -6.18 18.30 5.01
CA PHE A 1298 -5.81 16.89 4.90
C PHE A 1298 -5.20 16.57 3.55
N ILE A 1299 -5.73 17.14 2.47
CA ILE A 1299 -5.18 16.88 1.14
C ILE A 1299 -3.81 17.54 1.00
N SER A 1300 -3.65 18.75 1.56
CA SER A 1300 -2.37 19.43 1.48
C SER A 1300 -1.28 18.65 2.19
N PHE A 1301 -1.60 18.09 3.37
CA PHE A 1301 -0.61 17.29 4.09
C PHE A 1301 -0.18 16.08 3.29
N LEU A 1302 -1.14 15.39 2.66
CA LEU A 1302 -0.80 14.22 1.86
C LEU A 1302 0.05 14.56 0.65
N LEU A 1303 -0.25 15.66 -0.03
CA LEU A 1303 0.52 16.03 -1.21
C LEU A 1303 1.93 16.47 -0.84
N ILE A 1304 2.08 17.25 0.23
CA ILE A 1304 3.41 17.73 0.61
C ILE A 1304 4.27 16.59 1.13
N VAL A 1305 3.68 15.74 1.99
CA VAL A 1305 4.44 14.64 2.56
C VAL A 1305 4.87 13.67 1.46
N SER A 1306 3.96 13.36 0.54
CA SER A 1306 4.32 12.47 -0.57
C SER A 1306 5.47 13.05 -1.38
N PHE A 1307 5.60 14.38 -1.42
CA PHE A 1307 6.72 14.99 -2.11
C PHE A 1307 8.02 14.74 -1.37
N PHE A 1308 8.02 14.95 -0.05
CA PHE A 1308 9.22 14.71 0.74
C PHE A 1308 9.64 13.24 0.67
N VAL A 1309 8.69 12.32 0.83
CA VAL A 1309 9.00 10.90 0.76
C VAL A 1309 9.52 10.48 -0.60
N LEU A 1310 9.15 11.19 -1.67
CA LEU A 1310 9.67 10.92 -2.99
C LEU A 1310 11.11 11.40 -3.16
N ASN A 1311 11.46 12.54 -2.56
CA ASN A 1311 12.83 13.02 -2.59
C ASN A 1311 13.77 12.16 -1.75
N MET A 1312 13.24 11.44 -0.75
CA MET A 1312 14.05 10.47 -0.04
C MET A 1312 14.42 9.29 -0.93
N PHE A 1313 13.45 8.82 -1.72
CA PHE A 1313 13.73 7.73 -2.65
C PHE A 1313 14.72 8.16 -3.72
N VAL A 1314 14.57 9.38 -4.24
CA VAL A 1314 15.51 9.88 -5.23
C VAL A 1314 16.88 10.11 -4.62
N GLY A 1315 16.92 10.57 -3.37
CA GLY A 1315 18.21 10.79 -2.73
C GLY A 1315 19.01 9.51 -2.57
N VAL A 1316 18.33 8.42 -2.22
CA VAL A 1316 19.02 7.14 -2.10
C VAL A 1316 19.47 6.65 -3.47
N VAL A 1317 18.64 6.84 -4.50
CA VAL A 1317 19.00 6.39 -5.84
C VAL A 1317 20.22 7.16 -6.35
N VAL A 1318 20.21 8.48 -6.17
CA VAL A 1318 21.31 9.30 -6.68
C VAL A 1318 22.61 8.94 -5.98
N GLU A 1319 22.57 8.79 -4.65
CA GLU A 1319 23.78 8.46 -3.91
C GLU A 1319 24.32 7.10 -4.31
N ASN A 1320 23.43 6.13 -4.54
CA ASN A 1320 23.87 4.80 -4.95
C ASN A 1320 24.58 4.87 -6.30
N PHE A 1321 24.05 5.65 -7.23
CA PHE A 1321 24.68 5.77 -8.55
C PHE A 1321 26.06 6.37 -8.43
N HIS A 1322 26.24 7.37 -7.55
CA HIS A 1322 27.57 7.93 -7.33
C HIS A 1322 28.54 6.86 -6.85
N LYS A 1323 28.09 6.02 -5.92
CA LYS A 1323 28.95 4.94 -5.43
C LYS A 1323 29.30 3.95 -6.52
N CYS A 1324 28.33 3.57 -7.35
CA CYS A 1324 28.59 2.61 -8.41
C CYS A 1324 29.56 3.16 -9.44
N ARG A 1325 29.41 4.44 -9.82
CA ARG A 1325 30.28 5.01 -10.84
C ARG A 1325 31.72 5.05 -10.36
N GLN A 1326 31.95 5.46 -9.11
CA GLN A 1326 33.31 5.50 -8.59
C GLN A 1326 33.92 4.11 -8.42
N HIS A 1327 33.12 3.06 -8.49
CA HIS A 1327 33.61 1.70 -8.38
C HIS A 1327 33.47 0.95 -9.71
N SER A 1367 21.22 -39.88 -42.16
CA SER A 1367 20.38 -40.63 -43.10
C SER A 1367 19.39 -39.71 -43.80
N PRO A 1368 19.02 -40.04 -45.04
CA PRO A 1368 18.05 -39.18 -45.74
C PRO A 1368 16.72 -39.09 -45.04
N THR A 1369 16.28 -40.16 -44.38
CA THR A 1369 15.02 -40.11 -43.64
C THR A 1369 15.13 -39.22 -42.42
N ARG A 1370 16.33 -39.11 -41.84
CA ARG A 1370 16.54 -38.28 -40.65
C ARG A 1370 16.86 -36.84 -40.98
N ARG A 1371 17.51 -36.60 -42.12
CA ARG A 1371 17.93 -35.23 -42.45
C ARG A 1371 16.73 -34.31 -42.61
N SER A 1372 15.67 -34.79 -43.25
CA SER A 1372 14.48 -33.97 -43.43
C SER A 1372 13.89 -33.56 -42.08
N ILE A 1373 13.82 -34.49 -41.14
CA ILE A 1373 13.31 -34.17 -39.81
C ILE A 1373 14.23 -33.16 -39.13
N HIS A 1374 15.55 -33.35 -39.25
CA HIS A 1374 16.49 -32.42 -38.63
C HIS A 1374 16.31 -31.01 -39.15
N SER A 1375 16.03 -30.87 -40.45
CA SER A 1375 15.77 -29.54 -41.00
C SER A 1375 14.52 -28.93 -40.38
N LEU A 1376 13.47 -29.73 -40.20
CA LEU A 1376 12.23 -29.22 -39.62
C LEU A 1376 12.45 -28.72 -38.20
N CYS A 1377 13.09 -29.53 -37.36
CA CYS A 1377 13.29 -29.15 -35.97
C CYS A 1377 14.17 -27.91 -35.87
N THR A 1378 15.23 -27.83 -36.66
CA THR A 1378 16.08 -26.64 -36.63
C THR A 1378 15.35 -25.43 -37.18
N SER A 1379 14.43 -25.63 -38.12
CA SER A 1379 13.68 -24.52 -38.69
C SER A 1379 12.77 -23.90 -37.64
N HIS A 1380 12.54 -22.59 -37.78
CA HIS A 1380 11.68 -21.87 -36.85
C HIS A 1380 10.21 -22.19 -37.03
N TYR A 1381 9.83 -22.91 -38.09
CA TYR A 1381 8.42 -23.19 -38.33
C TYR A 1381 7.82 -24.00 -37.19
N LEU A 1382 8.54 -25.02 -36.72
CA LEU A 1382 8.01 -25.86 -35.64
C LEU A 1382 7.76 -25.03 -34.39
N ASP A 1383 8.70 -24.15 -34.02
CA ASP A 1383 8.54 -23.36 -32.81
C ASP A 1383 7.33 -22.45 -32.90
N LEU A 1384 7.11 -21.85 -34.07
CA LEU A 1384 5.95 -20.97 -34.23
C LEU A 1384 4.65 -21.77 -34.25
N PHE A 1385 4.67 -22.98 -34.78
CA PHE A 1385 3.48 -23.83 -34.75
C PHE A 1385 3.09 -24.17 -33.31
N ILE A 1386 4.08 -24.52 -32.48
CA ILE A 1386 3.80 -24.81 -31.08
C ILE A 1386 3.24 -23.58 -30.38
N THR A 1387 3.84 -22.41 -30.64
CA THR A 1387 3.38 -21.20 -29.99
C THR A 1387 1.91 -20.92 -30.32
N PHE A 1388 1.44 -21.35 -31.49
CA PHE A 1388 0.03 -21.19 -31.81
C PHE A 1388 -0.82 -22.20 -31.04
N ILE A 1389 -0.36 -23.44 -30.95
CA ILE A 1389 -1.13 -24.47 -30.25
C ILE A 1389 -1.29 -24.11 -28.78
N ILE A 1390 -0.20 -23.68 -28.14
CA ILE A 1390 -0.26 -23.35 -26.72
C ILE A 1390 -1.15 -22.12 -26.50
N CYS A 1391 -1.12 -21.17 -27.44
CA CYS A 1391 -2.02 -20.03 -27.35
C CYS A 1391 -3.47 -20.47 -27.36
N VAL A 1392 -3.82 -21.43 -28.22
CA VAL A 1392 -5.17 -21.97 -28.23
C VAL A 1392 -5.47 -22.65 -26.89
N ASN A 1393 -4.52 -23.42 -26.37
CA ASN A 1393 -4.71 -24.06 -25.08
C ASN A 1393 -4.93 -23.03 -23.98
N VAL A 1394 -4.25 -21.87 -24.09
CA VAL A 1394 -4.46 -20.81 -23.12
C VAL A 1394 -5.90 -20.31 -23.16
N ILE A 1395 -6.46 -20.19 -24.37
CA ILE A 1395 -7.85 -19.79 -24.50
C ILE A 1395 -8.78 -20.87 -23.98
N THR A 1396 -8.47 -22.14 -24.29
CA THR A 1396 -9.31 -23.24 -23.83
C THR A 1396 -9.30 -23.32 -22.31
N MET A 1397 -8.13 -23.17 -21.68
CA MET A 1397 -8.05 -23.27 -20.24
C MET A 1397 -8.87 -22.18 -19.53
N SER A 1398 -9.13 -21.07 -20.19
CA SER A 1398 -9.94 -20.00 -19.62
C SER A 1398 -11.43 -20.16 -19.89
N MET A 1399 -11.82 -21.16 -20.68
CA MET A 1399 -13.23 -21.38 -20.94
C MET A 1399 -13.94 -21.94 -19.71
N GLU A 1400 -13.21 -22.58 -18.81
CA GLU A 1400 -13.82 -23.23 -17.66
C GLU A 1400 -14.45 -22.19 -16.73
N HIS A 1401 -15.58 -22.55 -16.13
CA HIS A 1401 -16.25 -21.71 -15.16
C HIS A 1401 -17.07 -22.60 -14.24
N TYR A 1402 -17.70 -21.98 -13.25
CA TYR A 1402 -18.53 -22.73 -12.30
C TYR A 1402 -19.85 -23.11 -12.95
N ASN A 1403 -20.27 -24.36 -12.75
CA ASN A 1403 -21.52 -24.87 -13.29
C ASN A 1403 -21.56 -24.74 -14.81
N GLN A 1404 -20.47 -25.13 -15.45
CA GLN A 1404 -20.44 -25.15 -16.90
C GLN A 1404 -21.28 -26.30 -17.44
N PRO A 1405 -21.83 -26.17 -18.64
CA PRO A 1405 -22.65 -27.25 -19.19
C PRO A 1405 -21.84 -28.52 -19.40
N LYS A 1406 -22.53 -29.67 -19.29
CA LYS A 1406 -21.85 -30.94 -19.47
C LYS A 1406 -21.21 -31.05 -20.85
N SER A 1407 -21.80 -30.41 -21.86
CA SER A 1407 -21.23 -30.45 -23.19
C SER A 1407 -19.83 -29.83 -23.22
N LEU A 1408 -19.64 -28.74 -22.49
CA LEU A 1408 -18.33 -28.10 -22.46
C LEU A 1408 -17.27 -29.02 -21.88
N ASP A 1409 -17.61 -29.75 -20.82
CA ASP A 1409 -16.64 -30.66 -20.21
C ASP A 1409 -16.10 -31.64 -21.25
N GLU A 1410 -16.99 -32.22 -22.06
CA GLU A 1410 -16.54 -33.11 -23.12
C GLU A 1410 -15.71 -32.37 -24.15
N ALA A 1411 -16.15 -31.19 -24.57
CA ALA A 1411 -15.44 -30.45 -25.60
C ALA A 1411 -14.03 -30.07 -25.13
N LEU A 1412 -13.90 -29.62 -23.88
CA LEU A 1412 -12.58 -29.28 -23.36
C LEU A 1412 -11.72 -30.53 -23.20
N LYS A 1413 -12.32 -31.64 -22.79
CA LYS A 1413 -11.55 -32.88 -22.63
C LYS A 1413 -10.96 -33.33 -23.97
N TYR A 1414 -11.76 -33.28 -25.04
CA TYR A 1414 -11.27 -33.67 -26.35
C TYR A 1414 -10.14 -32.75 -26.81
N CYS A 1415 -10.26 -31.46 -26.54
CA CYS A 1415 -9.18 -30.54 -26.87
C CYS A 1415 -7.89 -30.95 -26.18
N ASN A 1416 -7.97 -31.49 -24.96
CA ASN A 1416 -6.78 -31.95 -24.26
C ASN A 1416 -6.10 -33.08 -25.02
N TYR A 1417 -6.88 -34.00 -25.58
CA TYR A 1417 -6.29 -35.12 -26.32
C TYR A 1417 -5.42 -34.61 -27.45
N VAL A 1418 -5.91 -33.62 -28.20
CA VAL A 1418 -5.17 -33.13 -29.36
C VAL A 1418 -3.84 -32.52 -28.93
N PHE A 1419 -3.85 -31.73 -27.85
CA PHE A 1419 -2.62 -31.10 -27.39
C PHE A 1419 -1.62 -32.14 -26.91
N THR A 1420 -2.09 -33.16 -26.19
CA THR A 1420 -1.17 -34.15 -25.64
C THR A 1420 -0.40 -34.87 -26.74
N ILE A 1421 -1.10 -35.30 -27.80
CA ILE A 1421 -0.42 -36.02 -28.87
C ILE A 1421 0.49 -35.08 -29.66
N VAL A 1422 0.04 -33.85 -29.88
CA VAL A 1422 0.87 -32.89 -30.61
C VAL A 1422 2.18 -32.67 -29.89
N PHE A 1423 2.13 -32.50 -28.57
CA PHE A 1423 3.36 -32.35 -27.79
C PHE A 1423 4.20 -33.62 -27.85
N VAL A 1424 3.55 -34.78 -27.85
CA VAL A 1424 4.28 -36.05 -27.92
C VAL A 1424 5.04 -36.15 -29.24
N PHE A 1425 4.39 -35.77 -30.35
CA PHE A 1425 5.06 -35.80 -31.64
C PHE A 1425 6.28 -34.88 -31.64
N GLU A 1426 6.16 -33.70 -31.03
CA GLU A 1426 7.29 -32.78 -30.97
C GLU A 1426 8.48 -33.43 -30.29
N ALA A 1427 8.23 -34.11 -29.16
CA ALA A 1427 9.32 -34.80 -28.48
C ALA A 1427 9.92 -35.90 -29.34
N ALA A 1428 9.08 -36.68 -30.02
CA ALA A 1428 9.58 -37.75 -30.86
C ALA A 1428 10.43 -37.21 -31.99
N LEU A 1429 9.97 -36.14 -32.64
CA LEU A 1429 10.75 -35.52 -33.71
C LEU A 1429 12.04 -34.92 -33.16
N LYS A 1430 11.98 -34.31 -31.99
CA LYS A 1430 13.17 -33.72 -31.40
C LYS A 1430 14.22 -34.78 -31.09
N LEU A 1431 13.79 -35.93 -30.57
CA LEU A 1431 14.73 -36.97 -30.19
C LEU A 1431 15.52 -37.47 -31.42
N VAL A 1432 14.83 -37.76 -32.51
CA VAL A 1432 15.50 -38.33 -33.68
C VAL A 1432 16.43 -37.31 -34.30
N ALA A 1433 16.01 -36.04 -34.36
CA ALA A 1433 16.81 -35.02 -35.03
C ALA A 1433 18.15 -34.83 -34.35
N PHE A 1434 18.17 -34.78 -33.01
CA PHE A 1434 19.38 -34.48 -32.26
C PHE A 1434 20.03 -35.70 -31.64
N GLY A 1435 19.25 -36.69 -31.22
CA GLY A 1435 19.77 -37.84 -30.53
C GLY A 1435 19.53 -37.78 -29.03
N PHE A 1436 19.56 -38.96 -28.41
CA PHE A 1436 19.19 -39.06 -27.00
C PHE A 1436 20.10 -38.21 -26.13
N ARG A 1437 21.41 -38.29 -26.36
CA ARG A 1437 22.35 -37.55 -25.52
C ARG A 1437 22.34 -36.06 -25.85
N ARG A 1438 22.30 -35.72 -27.15
CA ARG A 1438 22.28 -34.32 -27.54
C ARG A 1438 20.99 -33.63 -27.12
N PHE A 1439 19.85 -34.32 -27.29
CA PHE A 1439 18.57 -33.71 -26.98
C PHE A 1439 18.47 -33.34 -25.51
N PHE A 1440 18.93 -34.23 -24.63
CA PHE A 1440 18.84 -33.99 -23.18
C PHE A 1440 19.77 -32.88 -22.72
N LYS A 1441 20.71 -32.44 -23.55
CA LYS A 1441 21.67 -31.42 -23.13
C LYS A 1441 20.98 -30.10 -22.85
N ASP A 1442 20.08 -29.66 -23.73
CA ASP A 1442 19.41 -28.38 -23.56
C ASP A 1442 18.44 -28.41 -22.40
N ARG A 1443 18.40 -27.31 -21.64
CA ARG A 1443 17.45 -27.22 -20.54
C ARG A 1443 16.02 -27.11 -21.03
N TRP A 1444 15.79 -26.39 -22.13
CA TRP A 1444 14.44 -26.25 -22.66
C TRP A 1444 13.85 -27.60 -23.02
N ASN A 1445 14.65 -28.48 -23.64
CA ASN A 1445 14.17 -29.81 -23.97
C ASN A 1445 13.82 -30.59 -22.71
N GLN A 1446 14.63 -30.44 -21.66
CA GLN A 1446 14.31 -31.09 -20.39
C GLN A 1446 12.97 -30.60 -19.85
N LEU A 1447 12.70 -29.30 -19.98
CA LEU A 1447 11.40 -28.78 -19.56
C LEU A 1447 10.27 -29.41 -20.37
N ASP A 1448 10.46 -29.53 -21.69
CA ASP A 1448 9.43 -30.14 -22.53
C ASP A 1448 9.18 -31.59 -22.14
N LEU A 1449 10.26 -32.33 -21.85
CA LEU A 1449 10.09 -33.72 -21.45
C LEU A 1449 9.30 -33.83 -20.15
N ALA A 1450 9.56 -32.93 -19.19
CA ALA A 1450 8.91 -33.03 -17.89
C ALA A 1450 7.40 -32.87 -18.02
N ILE A 1451 6.94 -31.89 -18.79
CA ILE A 1451 5.50 -31.63 -18.89
C ILE A 1451 4.82 -32.74 -19.67
N VAL A 1452 5.45 -33.23 -20.73
CA VAL A 1452 4.84 -34.30 -21.52
C VAL A 1452 4.66 -35.56 -20.67
N LEU A 1453 5.69 -35.91 -19.91
CA LEU A 1453 5.55 -37.00 -18.94
C LEU A 1453 4.50 -36.64 -17.90
N LEU A 1454 4.52 -35.39 -17.43
CA LEU A 1454 3.53 -34.93 -16.47
C LEU A 1454 2.14 -34.94 -17.07
N SER A 1455 2.01 -34.49 -18.33
CA SER A 1455 0.71 -34.43 -18.97
C SER A 1455 0.12 -35.82 -19.18
N LEU A 1456 0.95 -36.78 -19.58
CA LEU A 1456 0.47 -38.14 -19.77
C LEU A 1456 -0.05 -38.73 -18.47
N MET A 1457 0.66 -38.49 -17.37
CA MET A 1457 0.22 -39.02 -16.08
C MET A 1457 -1.14 -38.45 -15.70
N GLY A 1458 -1.35 -37.15 -15.91
CA GLY A 1458 -2.63 -36.56 -15.56
C GLY A 1458 -3.78 -37.13 -16.36
N ILE A 1459 -3.59 -37.31 -17.66
CA ILE A 1459 -4.66 -37.85 -18.50
C ILE A 1459 -4.94 -39.30 -18.15
N THR A 1460 -3.90 -40.06 -17.79
CA THR A 1460 -4.09 -41.46 -17.41
C THR A 1460 -5.00 -41.57 -16.19
N LEU A 1461 -4.71 -40.78 -15.15
CA LEU A 1461 -5.53 -40.84 -13.94
C LEU A 1461 -6.97 -40.45 -14.23
N GLU A 1462 -7.20 -39.51 -15.13
CA GLU A 1462 -8.56 -39.11 -15.48
C GLU A 1462 -9.34 -40.28 -16.05
N GLU A 1463 -8.72 -41.06 -16.94
CA GLU A 1463 -9.41 -42.20 -17.53
C GLU A 1463 -9.73 -43.25 -16.49
N ILE A 1464 -8.80 -43.51 -15.56
CA ILE A 1464 -9.08 -44.47 -14.49
C ILE A 1464 -10.24 -43.98 -13.63
N GLU A 1465 -10.30 -42.66 -13.39
CA GLU A 1465 -11.43 -42.12 -12.65
C GLU A 1465 -12.75 -42.40 -13.37
N MET A 1466 -12.77 -42.24 -14.70
CA MET A 1466 -13.96 -42.60 -15.46
C MET A 1466 -14.26 -44.09 -15.33
N SER A 1467 -13.22 -44.93 -15.39
CA SER A 1467 -13.40 -46.36 -15.30
C SER A 1467 -14.09 -46.73 -13.98
N ALA A 1468 -14.52 -48.00 -13.91
CA ALA A 1468 -15.24 -48.46 -12.73
C ALA A 1468 -14.39 -48.33 -11.47
N ALA A 1469 -13.12 -48.74 -11.55
CA ALA A 1469 -12.24 -48.64 -10.39
C ALA A 1469 -12.07 -47.18 -9.99
N LEU A 1470 -12.20 -46.91 -8.69
CA LEU A 1470 -12.03 -45.55 -8.14
C LEU A 1470 -11.11 -45.59 -6.93
N PRO A 1471 -9.85 -45.98 -7.12
CA PRO A 1471 -8.86 -45.85 -6.04
C PRO A 1471 -8.15 -44.51 -6.01
N ILE A 1472 -8.45 -43.61 -6.95
CA ILE A 1472 -7.76 -42.33 -7.05
C ILE A 1472 -8.53 -41.30 -6.24
N ASN A 1473 -7.84 -40.63 -5.34
CA ASN A 1473 -8.47 -39.59 -4.54
C ASN A 1473 -8.72 -38.35 -5.41
N PRO A 1474 -9.95 -37.83 -5.48
CA PRO A 1474 -10.18 -36.60 -6.23
C PRO A 1474 -9.17 -35.49 -5.93
N THR A 1475 -8.52 -35.51 -4.77
CA THR A 1475 -7.48 -34.52 -4.51
C THR A 1475 -6.33 -34.64 -5.50
N ILE A 1476 -5.94 -35.88 -5.82
CA ILE A 1476 -4.87 -36.07 -6.78
C ILE A 1476 -5.28 -35.56 -8.16
N ILE A 1477 -6.51 -35.87 -8.58
CA ILE A 1477 -6.97 -35.44 -9.90
C ILE A 1477 -7.01 -33.92 -9.98
N ARG A 1478 -7.47 -33.27 -8.90
CA ARG A 1478 -7.54 -31.81 -8.90
C ARG A 1478 -6.15 -31.19 -8.99
N ILE A 1479 -5.19 -31.75 -8.24
CA ILE A 1479 -3.83 -31.21 -8.28
C ILE A 1479 -3.23 -31.37 -9.67
N MET A 1480 -3.47 -32.52 -10.31
CA MET A 1480 -2.91 -32.75 -11.63
C MET A 1480 -3.49 -31.75 -12.64
N ARG A 1481 -4.79 -31.47 -12.54
CA ARG A 1481 -5.40 -30.49 -13.44
C ARG A 1481 -4.81 -29.11 -13.22
N VAL A 1482 -4.58 -28.72 -11.97
CA VAL A 1482 -4.02 -27.41 -11.67
C VAL A 1482 -2.59 -27.31 -12.19
N LEU A 1483 -1.82 -28.39 -12.03
CA LEU A 1483 -0.42 -28.38 -12.45
C LEU A 1483 -0.25 -28.50 -13.96
N ARG A 1484 -1.32 -28.74 -14.70
CA ARG A 1484 -1.25 -28.79 -16.16
C ARG A 1484 -0.95 -27.43 -16.78
N ILE A 1485 -1.03 -26.35 -16.00
CA ILE A 1485 -0.80 -25.01 -16.52
C ILE A 1485 0.66 -24.77 -16.89
N ALA A 1486 1.57 -25.67 -16.52
CA ALA A 1486 2.98 -25.49 -16.84
C ALA A 1486 3.24 -25.39 -18.33
N ARG A 1487 2.25 -25.70 -19.17
CA ARG A 1487 2.44 -25.58 -20.62
C ARG A 1487 2.72 -24.14 -21.02
N VAL A 1488 2.22 -23.17 -20.25
CA VAL A 1488 2.42 -21.77 -20.62
C VAL A 1488 3.89 -21.40 -20.59
N LEU A 1489 4.70 -22.13 -19.82
CA LEU A 1489 6.11 -21.80 -19.69
C LEU A 1489 6.86 -21.91 -21.01
N LYS A 1490 6.29 -22.60 -22.00
CA LYS A 1490 6.93 -22.67 -23.31
C LYS A 1490 7.04 -21.28 -23.94
N LEU A 1491 5.98 -20.47 -23.83
CA LEU A 1491 6.03 -19.12 -24.39
C LEU A 1491 7.16 -18.32 -23.79
N LEU A 1492 7.59 -18.66 -22.57
CA LEU A 1492 8.71 -17.96 -21.97
C LEU A 1492 9.96 -18.07 -22.82
N LYS A 1493 10.13 -19.18 -23.53
CA LYS A 1493 11.27 -19.34 -24.42
C LYS A 1493 11.19 -18.36 -25.58
N MET A 1494 10.00 -18.17 -26.15
CA MET A 1494 9.85 -17.31 -27.31
C MET A 1494 10.07 -15.84 -26.96
N ALA A 1495 9.58 -15.41 -25.79
CA ALA A 1495 9.62 -14.00 -25.38
C ALA A 1495 11.05 -13.65 -24.96
N THR A 1496 11.89 -13.37 -25.96
CA THR A 1496 13.28 -13.03 -25.67
C THR A 1496 13.37 -11.74 -24.85
N GLY A 1497 12.54 -10.75 -25.18
CA GLY A 1497 12.59 -9.50 -24.43
C GLY A 1497 12.24 -9.69 -22.96
N MET A 1498 11.23 -10.50 -22.67
CA MET A 1498 10.82 -10.70 -21.28
C MET A 1498 11.92 -11.39 -20.49
N ARG A 1499 12.57 -12.39 -21.08
CA ARG A 1499 13.62 -13.12 -20.37
C ARG A 1499 14.77 -12.19 -19.98
N ALA A 1500 15.13 -11.24 -20.85
CA ALA A 1500 16.17 -10.29 -20.51
C ALA A 1500 15.78 -9.46 -19.30
N LEU A 1501 14.51 -9.04 -19.23
CA LEU A 1501 14.05 -8.27 -18.07
C LEU A 1501 14.17 -9.07 -16.79
N LEU A 1502 13.78 -10.34 -16.82
CA LEU A 1502 13.94 -11.20 -15.65
C LEU A 1502 15.41 -11.41 -15.31
N ASP A 1503 16.27 -11.50 -16.32
CA ASP A 1503 17.70 -11.69 -16.07
C ASP A 1503 18.27 -10.54 -15.26
N THR A 1504 17.68 -9.35 -15.39
CA THR A 1504 18.15 -8.20 -14.60
C THR A 1504 17.93 -8.46 -13.11
N VAL A 1505 16.80 -9.06 -12.75
CA VAL A 1505 16.54 -9.37 -11.34
C VAL A 1505 17.51 -10.44 -10.85
N VAL A 1506 17.82 -11.42 -11.70
CA VAL A 1506 18.72 -12.51 -11.28
C VAL A 1506 20.09 -11.94 -10.93
N GLN A 1507 20.61 -11.04 -11.76
CA GLN A 1507 21.91 -10.44 -11.48
C GLN A 1507 21.92 -9.65 -10.19
N ALA A 1508 20.75 -9.17 -9.73
CA ALA A 1508 20.64 -8.41 -8.50
C ALA A 1508 20.33 -9.28 -7.29
N LEU A 1509 20.23 -10.59 -7.45
CA LEU A 1509 19.92 -11.46 -6.33
C LEU A 1509 20.97 -11.38 -5.22
N PRO A 1510 22.28 -11.43 -5.48
CA PRO A 1510 23.24 -11.37 -4.37
C PRO A 1510 23.04 -10.15 -3.49
N GLN A 1511 22.73 -9.00 -4.08
CA GLN A 1511 22.43 -7.81 -3.29
C GLN A 1511 21.04 -7.87 -2.68
N VAL A 1512 20.08 -8.47 -3.39
CA VAL A 1512 18.71 -8.54 -2.90
C VAL A 1512 18.50 -9.72 -1.95
N GLY A 1513 19.33 -10.75 -2.01
CA GLY A 1513 19.17 -11.87 -1.11
C GLY A 1513 19.43 -11.50 0.34
N ASN A 1514 20.48 -10.72 0.59
CA ASN A 1514 20.77 -10.29 1.95
C ASN A 1514 19.69 -9.36 2.47
N LEU A 1515 19.16 -8.47 1.61
CA LEU A 1515 18.07 -7.61 2.03
C LEU A 1515 16.84 -8.41 2.40
N GLY A 1516 16.69 -9.62 1.84
CA GLY A 1516 15.62 -10.49 2.27
C GLY A 1516 15.92 -11.19 3.57
N LEU A 1517 17.21 -11.44 3.85
CA LEU A 1517 17.60 -11.97 5.16
C LEU A 1517 17.37 -10.95 6.26
N LEU A 1518 17.60 -9.67 5.95
CA LEU A 1518 17.33 -8.61 6.93
C LEU A 1518 15.84 -8.39 7.10
N PHE A 1519 15.04 -8.75 6.10
CA PHE A 1519 13.59 -8.62 6.23
C PHE A 1519 13.02 -9.71 7.13
N MET A 1520 13.56 -10.94 7.03
CA MET A 1520 13.09 -12.01 7.89
C MET A 1520 13.61 -11.87 9.30
N LEU A 1521 14.80 -11.27 9.47
CA LEU A 1521 15.32 -11.01 10.80
C LEU A 1521 14.50 -9.94 11.51
N LEU A 1522 14.06 -8.92 10.77
CA LEU A 1522 13.18 -7.92 11.34
C LEU A 1522 11.83 -8.52 11.73
N PHE A 1523 11.31 -9.42 10.89
CA PHE A 1523 10.05 -10.07 11.20
C PHE A 1523 10.13 -10.88 12.49
N PHE A 1524 11.24 -11.60 12.68
CA PHE A 1524 11.38 -12.45 13.85
C PHE A 1524 11.36 -11.64 15.13
N ILE A 1525 12.10 -10.53 15.18
CA ILE A 1525 12.19 -9.74 16.40
C ILE A 1525 10.84 -9.13 16.74
N TYR A 1526 10.14 -8.59 15.74
CA TYR A 1526 8.85 -7.95 15.99
C TYR A 1526 7.75 -8.98 16.18
N ALA A 1527 7.83 -10.13 15.49
CA ALA A 1527 6.85 -11.19 15.70
C ALA A 1527 6.92 -11.72 17.12
N ALA A 1528 8.14 -11.93 17.64
CA ALA A 1528 8.28 -12.39 19.01
C ALA A 1528 7.95 -11.28 20.00
N LEU A 1529 8.23 -10.03 19.65
CA LEU A 1529 7.90 -8.92 20.52
C LEU A 1529 6.40 -8.67 20.56
N GLY A 1530 5.71 -8.84 19.43
CA GLY A 1530 4.28 -8.63 19.39
C GLY A 1530 3.53 -9.65 20.24
N VAL A 1531 3.96 -10.91 20.21
CA VAL A 1531 3.31 -11.94 21.01
C VAL A 1531 3.39 -11.58 22.49
N GLU A 1532 4.54 -11.07 22.93
CA GLU A 1532 4.69 -10.66 24.32
C GLU A 1532 3.75 -9.50 24.66
N LEU A 1533 3.61 -8.54 23.74
CA LEU A 1533 2.79 -7.37 24.01
C LEU A 1533 1.30 -7.66 23.80
N PHE A 1534 0.92 -8.06 22.58
CA PHE A 1534 -0.47 -8.21 22.19
C PHE A 1534 -0.93 -9.65 22.20
N GLY A 1535 -0.26 -10.51 22.97
CA GLY A 1535 -0.59 -11.93 22.94
C GLY A 1535 -1.97 -12.24 23.49
N ARG A 1536 -2.38 -11.53 24.54
CA ARG A 1536 -3.59 -11.87 25.27
C ARG A 1536 -4.80 -11.01 24.89
N LEU A 1537 -4.66 -10.11 23.93
CA LEU A 1537 -5.80 -9.31 23.49
C LEU A 1537 -6.90 -10.22 22.98
N GLU A 1538 -8.15 -9.89 23.34
CA GLU A 1538 -9.30 -10.73 23.02
C GLU A 1538 -10.36 -9.91 22.29
N CYS A 1539 -11.10 -10.58 21.42
CA CYS A 1539 -12.20 -9.98 20.68
C CYS A 1539 -13.50 -10.65 21.11
N SER A 1540 -14.49 -9.83 21.46
CA SER A 1540 -15.79 -10.35 21.88
C SER A 1540 -16.84 -9.28 21.64
N GLU A 1541 -18.11 -9.69 21.69
CA GLU A 1541 -19.20 -8.74 21.45
C GLU A 1541 -19.18 -7.62 22.48
N ASP A 1542 -18.67 -7.89 23.68
CA ASP A 1542 -18.56 -6.82 24.69
C ASP A 1542 -17.40 -5.88 24.38
N ASN A 1543 -16.31 -6.40 23.81
CA ASN A 1543 -15.13 -5.62 23.47
C ASN A 1543 -14.77 -5.88 22.02
N PRO A 1544 -15.57 -5.38 21.09
CA PRO A 1544 -15.32 -5.65 19.68
C PRO A 1544 -14.01 -5.03 19.20
N CYS A 1545 -13.41 -5.65 18.19
CA CYS A 1545 -12.15 -5.22 17.62
C CYS A 1545 -12.32 -4.89 16.14
N GLU A 1546 -11.57 -3.90 15.67
CA GLU A 1546 -11.71 -3.40 14.31
C GLU A 1546 -10.72 -4.00 13.33
N GLY A 1547 -9.54 -4.41 13.81
CA GLY A 1547 -8.52 -4.93 12.93
C GLY A 1547 -8.19 -6.38 13.17
N LEU A 1548 -8.30 -6.83 14.42
CA LEU A 1548 -8.03 -8.22 14.74
C LEU A 1548 -9.27 -9.07 14.53
N SER A 1549 -9.05 -10.36 14.32
CA SER A 1549 -10.11 -11.31 14.03
C SER A 1549 -9.58 -12.72 14.32
N ARG A 1550 -10.31 -13.72 13.85
CA ARG A 1550 -9.85 -15.11 14.00
C ARG A 1550 -8.61 -15.37 13.16
N HIS A 1551 -8.39 -14.58 12.10
CA HIS A 1551 -7.25 -14.77 11.21
C HIS A 1551 -6.07 -13.89 11.55
N ALA A 1552 -6.31 -12.73 12.17
CA ALA A 1552 -5.26 -11.77 12.52
C ALA A 1552 -5.16 -11.73 14.04
N THR A 1553 -4.12 -12.36 14.58
CA THR A 1553 -3.88 -12.38 16.01
C THR A 1553 -2.39 -12.48 16.28
N PHE A 1554 -2.01 -12.15 17.51
CA PHE A 1554 -0.65 -12.35 18.01
C PHE A 1554 -0.59 -13.46 19.05
N SER A 1555 -1.48 -14.46 18.94
CA SER A 1555 -1.58 -15.47 19.98
C SER A 1555 -0.30 -16.28 20.09
N ASN A 1556 0.28 -16.68 18.96
CA ASN A 1556 1.52 -17.44 18.94
C ASN A 1556 2.44 -16.85 17.88
N PHE A 1557 3.68 -17.34 17.86
CA PHE A 1557 4.66 -16.79 16.93
C PHE A 1557 4.25 -17.02 15.48
N GLY A 1558 3.57 -18.13 15.21
CA GLY A 1558 3.13 -18.40 13.85
C GLY A 1558 2.12 -17.37 13.36
N MET A 1559 1.17 -17.00 14.21
CA MET A 1559 0.17 -16.00 13.83
C MET A 1559 0.77 -14.60 13.79
N ALA A 1560 1.66 -14.27 14.74
CA ALA A 1560 2.29 -12.96 14.74
C ALA A 1560 3.11 -12.76 13.46
N PHE A 1561 3.81 -13.80 13.01
CA PHE A 1561 4.58 -13.69 11.77
C PHE A 1561 3.66 -13.41 10.59
N LEU A 1562 2.50 -14.07 10.53
CA LEU A 1562 1.59 -13.88 9.42
C LEU A 1562 0.90 -12.51 9.49
N THR A 1563 0.58 -12.05 10.70
CA THR A 1563 -0.06 -10.74 10.85
C THR A 1563 0.88 -9.62 10.41
N LEU A 1564 2.17 -9.73 10.76
CA LEU A 1564 3.11 -8.68 10.38
C LEU A 1564 3.28 -8.59 8.87
N PHE A 1565 3.09 -9.70 8.15
CA PHE A 1565 3.12 -9.64 6.69
C PHE A 1565 1.99 -8.76 6.16
N ARG A 1566 0.81 -8.86 6.78
CA ARG A 1566 -0.28 -7.97 6.42
C ARG A 1566 0.06 -6.52 6.76
N VAL A 1567 0.70 -6.30 7.91
CA VAL A 1567 1.06 -4.95 8.32
C VAL A 1567 2.11 -4.36 7.38
N SER A 1568 3.09 -5.18 6.98
CA SER A 1568 4.15 -4.68 6.09
C SER A 1568 3.55 -4.19 4.77
N THR A 1569 2.57 -4.92 4.24
CA THR A 1569 1.86 -4.47 3.06
C THR A 1569 0.94 -3.30 3.34
N GLY A 1570 0.74 -2.94 4.61
CA GLY A 1570 -0.06 -1.79 4.96
C GLY A 1570 -1.53 -1.94 4.63
N ASP A 1571 -2.12 -3.10 4.92
CA ASP A 1571 -3.53 -3.35 4.66
C ASP A 1571 -4.28 -3.35 5.99
N ASN A 1572 -5.00 -2.25 6.25
CA ASN A 1572 -5.76 -2.11 7.49
C ASN A 1572 -4.87 -2.32 8.71
N TRP A 1573 -3.62 -1.88 8.60
CA TRP A 1573 -2.72 -1.93 9.74
C TRP A 1573 -3.10 -0.92 10.81
N ASN A 1574 -3.85 0.13 10.44
CA ASN A 1574 -4.29 1.10 11.44
C ASN A 1574 -5.43 0.54 12.29
N GLY A 1575 -6.25 -0.34 11.71
CA GLY A 1575 -7.28 -0.98 12.51
C GLY A 1575 -6.69 -1.90 13.56
N ILE A 1576 -5.56 -2.54 13.25
CA ILE A 1576 -4.90 -3.39 14.23
C ILE A 1576 -4.40 -2.57 15.41
N MET A 1577 -3.80 -1.40 15.13
CA MET A 1577 -3.33 -0.57 16.23
C MET A 1577 -4.49 -0.08 17.08
N LYS A 1578 -5.62 0.27 16.44
CA LYS A 1578 -6.81 0.65 17.19
C LYS A 1578 -7.16 -0.40 18.24
N ASP A 1579 -6.97 -1.68 17.89
CA ASP A 1579 -7.30 -2.76 18.80
C ASP A 1579 -6.39 -2.78 20.02
N THR A 1580 -5.16 -2.31 19.88
CA THR A 1580 -4.22 -2.26 21.00
C THR A 1580 -4.35 -0.99 21.82
N LEU A 1581 -5.03 0.04 21.30
CA LEU A 1581 -5.21 1.28 22.03
C LEU A 1581 -6.50 1.30 22.85
N ARG A 1582 -7.35 0.29 22.74
CA ARG A 1582 -8.61 0.29 23.46
C ARG A 1582 -8.42 -0.28 24.86
N GLU A 1583 -9.01 0.41 25.84
CA GLU A 1583 -8.80 0.05 27.24
C GLU A 1583 -9.33 -1.35 27.52
N CYS A 1584 -8.61 -2.08 28.37
CA CYS A 1584 -9.02 -3.43 28.72
C CYS A 1584 -10.17 -3.41 29.71
N SER A 1585 -10.91 -4.51 29.76
CA SER A 1585 -12.06 -4.61 30.64
C SER A 1585 -11.62 -4.53 32.10
N ARG A 1586 -12.48 -3.94 32.94
CA ARG A 1586 -12.16 -3.80 34.35
C ARG A 1586 -11.94 -5.16 35.00
N GLU A 1587 -12.79 -6.13 34.69
CA GLU A 1587 -12.68 -7.45 35.31
C GLU A 1587 -11.42 -8.18 34.84
N ASP A 1588 -11.05 -7.99 33.58
CA ASP A 1588 -9.93 -8.73 33.01
C ASP A 1588 -8.64 -8.41 33.75
N LYS A 1589 -7.77 -9.42 33.87
CA LYS A 1589 -6.50 -9.31 34.57
C LYS A 1589 -5.35 -9.32 33.56
N HIS A 1590 -4.13 -9.30 34.10
CA HIS A 1590 -2.90 -9.29 33.30
C HIS A 1590 -3.03 -8.37 32.09
N CYS A 1591 -3.37 -7.11 32.35
CA CYS A 1591 -3.45 -6.08 31.33
C CYS A 1591 -2.36 -5.06 31.59
N LEU A 1592 -1.55 -4.79 30.56
CA LEU A 1592 -0.46 -3.83 30.68
C LEU A 1592 -1.04 -2.42 30.72
N SER A 1593 -0.72 -1.68 31.79
CA SER A 1593 -1.31 -0.36 31.99
C SER A 1593 -0.83 0.62 30.93
N TYR A 1594 0.40 0.45 30.44
CA TYR A 1594 1.01 1.39 29.52
C TYR A 1594 1.11 0.85 28.10
N LEU A 1595 0.27 -0.13 27.75
CA LEU A 1595 0.27 -0.64 26.38
C LEU A 1595 -0.07 0.44 25.36
N PRO A 1596 -1.05 1.31 25.59
CA PRO A 1596 -1.36 2.34 24.58
C PRO A 1596 -0.19 3.25 24.25
N ALA A 1597 0.78 3.38 25.15
CA ALA A 1597 1.97 4.16 24.87
C ALA A 1597 2.99 3.40 24.03
N LEU A 1598 3.09 2.08 24.21
CA LEU A 1598 4.06 1.29 23.46
C LEU A 1598 3.55 0.93 22.08
N SER A 1599 2.23 0.85 21.89
CA SER A 1599 1.70 0.44 20.59
C SER A 1599 2.11 1.39 19.47
N PRO A 1600 2.01 2.71 19.62
CA PRO A 1600 2.47 3.58 18.52
C PRO A 1600 3.93 3.38 18.16
N VAL A 1601 4.78 3.11 19.16
CA VAL A 1601 6.19 2.87 18.88
C VAL A 1601 6.37 1.55 18.15
N TYR A 1602 5.60 0.53 18.52
CA TYR A 1602 5.72 -0.77 17.88
C TYR A 1602 5.36 -0.70 16.40
N PHE A 1603 4.29 0.02 16.07
CA PHE A 1603 3.80 0.02 14.70
C PHE A 1603 4.46 1.09 13.85
N VAL A 1604 4.89 2.21 14.44
CA VAL A 1604 5.56 3.25 13.68
C VAL A 1604 6.95 2.77 13.26
N THR A 1605 7.69 2.18 14.19
CA THR A 1605 9.06 1.74 13.88
C THR A 1605 9.05 0.57 12.89
N PHE A 1606 8.12 -0.37 13.05
CA PHE A 1606 8.04 -1.48 12.12
C PHE A 1606 7.70 -1.00 10.72
N VAL A 1607 6.76 -0.06 10.60
CA VAL A 1607 6.35 0.43 9.29
C VAL A 1607 7.50 1.16 8.60
N LEU A 1608 8.21 2.01 9.35
CA LEU A 1608 9.29 2.77 8.73
C LEU A 1608 10.48 1.88 8.39
N VAL A 1609 10.84 0.96 9.29
CA VAL A 1609 11.96 0.07 9.02
C VAL A 1609 11.64 -0.91 7.90
N ALA A 1610 10.39 -1.39 7.85
CA ALA A 1610 10.01 -2.35 6.82
C ALA A 1610 9.97 -1.69 5.44
N GLN A 1611 9.47 -0.46 5.37
CA GLN A 1611 9.36 0.21 4.08
C GLN A 1611 10.73 0.62 3.54
N PHE A 1612 11.64 1.04 4.42
CA PHE A 1612 12.97 1.40 3.98
C PHE A 1612 13.69 0.21 3.36
N VAL A 1613 13.57 -0.97 3.97
CA VAL A 1613 14.22 -2.15 3.43
C VAL A 1613 13.66 -2.50 2.05
N LEU A 1614 12.33 -2.40 1.90
CA LEU A 1614 11.73 -2.71 0.61
C LEU A 1614 12.14 -1.70 -0.45
N VAL A 1615 12.29 -0.43 -0.08
CA VAL A 1615 12.73 0.58 -1.04
C VAL A 1615 14.13 0.26 -1.53
N ASN A 1616 15.03 -0.12 -0.62
CA ASN A 1616 16.40 -0.44 -1.02
C ASN A 1616 16.44 -1.67 -1.93
N VAL A 1617 15.44 -2.54 -1.84
CA VAL A 1617 15.36 -3.66 -2.79
C VAL A 1617 14.98 -3.13 -4.17
N VAL A 1618 14.18 -2.07 -4.22
CA VAL A 1618 13.82 -1.47 -5.50
C VAL A 1618 15.02 -0.77 -6.12
N VAL A 1619 15.82 -0.09 -5.29
CA VAL A 1619 17.00 0.59 -5.79
C VAL A 1619 18.03 -0.41 -6.29
N ALA A 1620 18.16 -1.55 -5.60
CA ALA A 1620 19.15 -2.54 -6.00
C ALA A 1620 18.88 -3.05 -7.41
N VAL A 1621 17.63 -3.33 -7.73
CA VAL A 1621 17.28 -3.77 -9.08
C VAL A 1621 17.46 -2.64 -10.07
N LEU A 1622 17.14 -1.40 -9.65
CA LEU A 1622 17.28 -0.26 -10.55
C LEU A 1622 18.73 -0.06 -10.98
N MET A 1623 19.67 -0.19 -10.04
CA MET A 1623 21.07 0.01 -10.37
C MET A 1623 21.54 -1.01 -11.39
N LYS A 1624 21.18 -2.28 -11.21
CA LYS A 1624 21.63 -3.31 -12.14
C LYS A 1624 21.04 -3.10 -13.53
N HIS A 1625 19.82 -2.59 -13.62
CA HIS A 1625 19.22 -2.30 -14.91
C HIS A 1625 20.00 -1.21 -15.64
N LEU A 1626 20.45 -0.18 -14.90
CA LEU A 1626 21.20 0.90 -15.53
C LEU A 1626 22.57 0.44 -15.98
N GLU A 1627 23.30 -0.26 -15.10
CA GLU A 1627 24.66 -0.69 -15.45
C GLU A 1627 24.68 -1.75 -16.54
N GLU A 1628 23.56 -2.44 -16.77
CA GLU A 1628 23.49 -3.44 -17.83
C GLU A 1628 23.24 -2.83 -19.20
N SER A 1629 22.81 -1.57 -19.26
CA SER A 1629 22.54 -0.91 -20.54
C SER A 1629 23.18 0.47 -20.57
#